data_4YED
#
_entry.id   4YED
#
_cell.length_a   65.555
_cell.length_b   97.117
_cell.length_c   83.337
_cell.angle_alpha   90.00
_cell.angle_beta   111.65
_cell.angle_gamma   90.00
#
_symmetry.space_group_name_H-M   'P 1 21 1'
#
loop_
_entity.id
_entity.type
_entity.pdbx_description
1 polymer 'tRNA threonylcarbamoyladenosine dehydratase'
2 non-polymer 'ADENOSINE MONOPHOSPHATE'
3 non-polymer GLYCEROL
4 water water
#
_entity_poly.entity_id   1
_entity_poly.type   'polypeptide(L)'
_entity_poly.pdbx_seq_one_letter_code
;GSH(MSE)SVVISDAWRQRFGGTARLYGEKALQLFADAHICVVGIGGVGSWAAEALARTGIGAITLID(MSE)DDVCVTN
TNRQIHALRDNVGLAKAEV(MSE)AERIRQINPECRVTVVDDFVTPDNVAQY(MSE)SVGYSYVIDAIDSVRPKAALIAY
CRRNKIPLVTTGGAGGQIDPTQIQVTDLAKTIQDPLAAKLRERLKSDFGVVKNSKGKLGVDCVFSTEALVYPQSDGTVCA
(MSE)KATAEGPKR(MSE)DCASGFGAAT(MSE)VTATFGFVAVSHALKK(MSE)(MSE)AKAARQG
;
_entity_poly.pdbx_strand_id   A,B,C,D
#
loop_
_chem_comp.id
_chem_comp.type
_chem_comp.name
_chem_comp.formula
AMP non-polymer 'ADENOSINE MONOPHOSPHATE' 'C10 H14 N5 O7 P'
GOL non-polymer GLYCEROL 'C3 H8 O3'
#
# COMPACT_ATOMS: atom_id res chain seq x y z
N SER A 5 8.64 42.80 6.76
CA SER A 5 8.26 41.66 7.69
C SER A 5 6.99 40.97 7.22
N VAL A 6 7.03 39.64 7.09
CA VAL A 6 5.88 38.80 6.78
C VAL A 6 4.96 38.81 7.99
N VAL A 7 3.66 38.98 7.74
CA VAL A 7 2.69 39.07 8.82
C VAL A 7 2.32 37.65 9.21
N ILE A 8 2.65 37.24 10.42
CA ILE A 8 2.32 35.92 10.83
C ILE A 8 0.81 35.84 11.14
N SER A 9 0.12 34.93 10.47
CA SER A 9 -1.28 34.73 10.59
C SER A 9 -1.62 33.82 11.74
N ASP A 10 -2.90 33.78 12.08
CA ASP A 10 -3.35 32.79 13.04
C ASP A 10 -3.12 31.35 12.59
N ALA A 11 -3.34 31.05 11.30
CA ALA A 11 -3.08 29.69 10.82
C ALA A 11 -1.58 29.33 10.93
N TRP A 12 -0.71 30.27 10.60
CA TRP A 12 0.74 30.13 10.77
C TRP A 12 1.09 29.74 12.20
N ARG A 13 0.52 30.40 13.16
CA ARG A 13 0.70 30.03 14.54
C ARG A 13 0.21 28.68 14.94
N GLN A 14 -0.86 28.18 14.30
CA GLN A 14 -1.31 26.84 14.57
C GLN A 14 -0.35 25.84 13.95
N ARG A 15 0.15 26.13 12.75
CA ARG A 15 1.12 25.24 12.11
C ARG A 15 2.45 25.15 12.92
N PHE A 16 2.91 26.30 13.37
CA PHE A 16 4.28 26.50 13.83
C PHE A 16 4.37 26.89 15.25
N GLY A 17 3.30 26.67 16.01
CA GLY A 17 3.42 26.98 17.46
C GLY A 17 4.51 26.15 18.18
N GLY A 18 4.69 24.92 17.79
CA GLY A 18 5.82 24.10 18.19
C GLY A 18 7.18 24.63 17.84
N THR A 19 7.31 25.38 16.73
CA THR A 19 8.53 26.08 16.38
C THR A 19 8.83 27.20 17.37
N ALA A 20 7.81 28.02 17.64
CA ALA A 20 7.96 29.14 18.59
C ALA A 20 8.31 28.67 19.99
N ARG A 21 7.73 27.56 20.38
CA ARG A 21 7.95 27.04 21.74
C ARG A 21 9.36 26.41 21.83
N LEU A 22 10.01 26.15 20.69
CA LEU A 22 11.33 25.56 20.68
C LEU A 22 12.43 26.65 20.53
N TYR A 23 12.24 27.58 19.59
CA TYR A 23 13.22 28.59 19.26
C TYR A 23 12.98 29.99 19.85
N GLY A 24 11.74 30.20 20.29
CA GLY A 24 11.23 31.45 20.78
C GLY A 24 10.47 32.22 19.74
N GLU A 25 9.71 33.19 20.18
CA GLU A 25 8.84 33.99 19.30
C GLU A 25 9.59 34.88 18.36
N LYS A 26 10.70 35.45 18.85
CA LYS A 26 11.53 36.29 18.02
C LYS A 26 12.00 35.49 16.82
N ALA A 27 12.46 34.26 17.07
CA ALA A 27 12.94 33.37 16.02
C ALA A 27 11.77 33.01 15.08
N LEU A 28 10.56 32.84 15.60
CA LEU A 28 9.45 32.56 14.69
C LEU A 28 9.39 33.65 13.64
N GLN A 29 9.51 34.91 14.05
CA GLN A 29 9.39 35.98 13.08
C GLN A 29 10.61 36.04 12.14
N LEU A 30 11.79 35.78 12.67
CA LEU A 30 13.02 35.71 11.89
C LEU A 30 12.90 34.69 10.74
N PHE A 31 12.32 33.54 11.03
CA PHE A 31 12.18 32.47 10.07
C PHE A 31 11.15 32.90 9.05
N ALA A 32 10.07 33.49 9.53
CA ALA A 32 8.96 33.90 8.62
C ALA A 32 9.46 34.94 7.64
N ASP A 33 10.39 35.77 8.05
CA ASP A 33 10.98 36.81 7.21
C ASP A 33 12.16 36.33 6.34
N ALA A 34 12.65 35.12 6.56
CA ALA A 34 13.80 34.59 5.82
C ALA A 34 13.45 34.14 4.43
N HIS A 35 14.46 34.20 3.57
CA HIS A 35 14.37 33.64 2.26
C HIS A 35 15.62 32.75 2.11
N ILE A 36 15.43 31.43 2.01
CA ILE A 36 16.57 30.49 1.94
C ILE A 36 16.49 29.78 0.61
N CYS A 37 17.62 29.61 -0.01
CA CYS A 37 17.73 28.91 -1.28
C CYS A 37 18.39 27.54 -1.10
N VAL A 38 17.75 26.50 -1.63
CA VAL A 38 18.31 25.15 -1.67
C VAL A 38 18.70 24.89 -3.08
N VAL A 39 19.98 24.53 -3.27
CA VAL A 39 20.48 24.17 -4.58
C VAL A 39 20.75 22.70 -4.63
N GLY A 40 19.96 22.02 -5.48
CA GLY A 40 19.99 20.61 -5.58
C GLY A 40 18.95 19.95 -4.70
N ILE A 41 17.90 19.43 -5.33
CA ILE A 41 16.74 18.88 -4.65
C ILE A 41 16.78 17.34 -4.67
N GLY A 42 17.90 16.79 -4.21
CA GLY A 42 18.19 15.36 -4.31
C GLY A 42 18.19 14.67 -2.97
N GLY A 43 19.13 13.76 -2.78
CA GLY A 43 19.18 12.94 -1.59
C GLY A 43 19.33 13.78 -0.31
N VAL A 44 20.10 14.87 -0.41
CA VAL A 44 20.26 15.79 0.70
C VAL A 44 19.29 16.95 0.64
N GLY A 45 19.22 17.60 -0.52
CA GLY A 45 18.45 18.83 -0.63
C GLY A 45 16.96 18.69 -0.52
N SER A 46 16.38 17.57 -0.94
CA SER A 46 14.93 17.46 -0.79
C SER A 46 14.52 17.56 0.72
N TRP A 47 15.20 16.86 1.58
CA TRP A 47 14.93 16.82 3.02
C TRP A 47 15.26 18.17 3.66
N ALA A 48 16.28 18.85 3.16
CA ALA A 48 16.53 20.20 3.63
C ALA A 48 15.36 21.11 3.32
N ALA A 49 14.80 21.01 2.10
CA ALA A 49 13.65 21.79 1.73
C ALA A 49 12.46 21.52 2.62
N GLU A 50 12.18 20.25 2.84
CA GLU A 50 11.14 19.77 3.74
C GLU A 50 11.27 20.39 5.13
N ALA A 51 12.49 20.33 5.65
CA ALA A 51 12.79 20.85 6.98
C ALA A 51 12.57 22.36 7.10
N LEU A 52 13.01 23.07 6.07
CA LEU A 52 12.80 24.50 6.04
C LEU A 52 11.33 24.83 6.09
N ALA A 53 10.55 24.15 5.26
CA ALA A 53 9.14 24.35 5.25
C ALA A 53 8.45 24.14 6.57
N ARG A 54 8.84 23.05 7.21
CA ARG A 54 8.26 22.65 8.45
C ARG A 54 8.78 23.44 9.67
N THR A 55 9.71 24.38 9.47
CA THR A 55 10.24 25.19 10.57
C THR A 55 9.85 26.65 10.29
N GLY A 56 8.82 26.85 9.44
CA GLY A 56 8.23 28.17 9.33
C GLY A 56 9.06 29.18 8.54
N ILE A 57 9.95 28.70 7.68
CA ILE A 57 10.71 29.59 6.80
C ILE A 57 9.74 30.17 5.77
N GLY A 58 9.76 31.50 5.60
CA GLY A 58 8.67 32.13 4.91
C GLY A 58 8.80 32.21 3.38
N ALA A 59 10.00 31.97 2.87
CA ALA A 59 10.26 31.99 1.42
C ALA A 59 11.38 31.04 1.22
N ILE A 60 11.18 30.23 0.23
CA ILE A 60 12.16 29.21 -0.17
C ILE A 60 12.27 29.18 -1.71
N THR A 61 13.49 29.18 -2.18
CA THR A 61 13.82 28.96 -3.60
C THR A 61 14.52 27.65 -3.73
N LEU A 62 14.04 26.90 -4.70
CA LEU A 62 14.53 25.59 -5.05
C LEU A 62 15.17 25.63 -6.45
N ILE A 63 16.43 25.24 -6.55
CA ILE A 63 17.12 25.28 -7.80
C ILE A 63 17.60 23.88 -8.19
N ASP A 64 17.02 23.35 -9.28
CA ASP A 64 17.42 22.04 -9.83
C ASP A 64 16.71 21.89 -11.18
N MSE A 65 17.33 21.17 -12.11
CA MSE A 65 16.68 20.91 -13.41
C MSE A 65 16.31 19.46 -13.59
O MSE A 65 15.61 19.11 -14.54
CB MSE A 65 17.66 21.37 -14.52
CG MSE A 65 16.89 22.05 -15.63
SE MSE A 65 18.01 22.40 -17.26
CE MSE A 65 19.81 21.78 -16.66
N ASP A 66 16.70 18.59 -12.67
CA ASP A 66 16.40 17.20 -12.84
C ASP A 66 14.97 16.78 -12.58
N ASP A 67 14.67 15.60 -13.09
CA ASP A 67 13.37 14.97 -12.96
C ASP A 67 13.46 13.86 -11.92
N VAL A 68 12.34 13.64 -11.27
CA VAL A 68 12.17 12.50 -10.41
C VAL A 68 12.36 11.20 -11.20
N CYS A 69 13.25 10.34 -10.72
CA CYS A 69 13.49 9.03 -11.27
C CYS A 69 13.16 7.92 -10.23
N VAL A 70 12.70 6.76 -10.72
CA VAL A 70 12.41 5.63 -9.81
C VAL A 70 13.60 5.27 -8.95
N THR A 71 14.81 5.48 -9.47
CA THR A 71 16.02 5.19 -8.69
C THR A 71 16.25 6.16 -7.55
N ASN A 72 15.48 7.25 -7.49
CA ASN A 72 15.62 8.18 -6.35
C ASN A 72 14.92 7.63 -5.09
N THR A 73 14.16 6.53 -5.18
CA THR A 73 13.25 6.09 -4.16
C THR A 73 13.89 5.82 -2.81
N ASN A 74 15.12 5.35 -2.81
CA ASN A 74 15.81 5.01 -1.61
C ASN A 74 16.21 6.21 -0.74
N ARG A 75 16.15 7.45 -1.26
CA ARG A 75 16.77 8.55 -0.57
C ARG A 75 16.19 9.94 -0.80
N GLN A 76 15.10 10.10 -1.56
CA GLN A 76 14.58 11.46 -1.84
C GLN A 76 13.10 11.55 -1.52
N ILE A 77 12.74 12.60 -0.79
CA ILE A 77 11.40 12.71 -0.25
C ILE A 77 10.27 12.84 -1.29
N HIS A 78 10.60 13.35 -2.46
CA HIS A 78 9.65 13.57 -3.57
C HIS A 78 9.49 12.32 -4.48
N ALA A 79 10.22 11.24 -4.19
CA ALA A 79 10.27 10.08 -5.03
C ALA A 79 9.16 9.06 -4.64
N LEU A 80 8.06 9.22 -5.37
CA LEU A 80 6.81 8.49 -5.20
C LEU A 80 6.40 8.06 -6.61
N ARG A 81 5.72 6.94 -6.70
CA ARG A 81 5.26 6.39 -7.98
C ARG A 81 4.63 7.43 -8.90
N ASP A 82 3.72 8.25 -8.39
CA ASP A 82 3.02 9.24 -9.19
C ASP A 82 3.86 10.47 -9.63
N ASN A 83 5.01 10.70 -8.99
CA ASN A 83 5.87 11.83 -9.31
C ASN A 83 6.98 11.50 -10.31
N VAL A 84 7.21 10.23 -10.63
CA VAL A 84 8.33 9.81 -11.48
C VAL A 84 8.12 10.44 -12.85
N GLY A 85 9.17 11.04 -13.42
CA GLY A 85 9.07 11.77 -14.69
C GLY A 85 8.74 13.23 -14.57
N LEU A 86 8.28 13.72 -13.42
CA LEU A 86 8.07 15.16 -13.23
C LEU A 86 9.35 15.87 -12.68
N ALA A 87 9.39 17.16 -12.84
CA ALA A 87 10.52 17.98 -12.44
C ALA A 87 10.62 18.03 -10.87
N LYS A 88 11.74 17.61 -10.30
CA LYS A 88 11.93 17.54 -8.81
C LYS A 88 11.59 18.80 -8.11
N ALA A 89 12.08 19.93 -8.63
CA ALA A 89 11.87 21.20 -7.97
C ALA A 89 10.46 21.60 -7.91
N GLU A 90 9.72 21.39 -9.01
CA GLU A 90 8.30 21.71 -9.03
C GLU A 90 7.45 20.77 -8.11
N VAL A 91 7.75 19.47 -8.12
CA VAL A 91 7.10 18.49 -7.21
C VAL A 91 7.35 18.90 -5.73
N MSE A 92 8.60 19.29 -5.44
CA MSE A 92 8.94 19.74 -4.07
C MSE A 92 8.21 21.02 -3.75
O MSE A 92 7.62 21.12 -2.70
CB MSE A 92 10.43 19.78 -3.93
CG MSE A 92 10.90 19.96 -2.52
SE MSE A 92 10.74 18.16 -1.66
CE MSE A 92 10.01 18.96 0.05
N ALA A 93 8.15 21.98 -4.68
CA ALA A 93 7.41 23.20 -4.44
C ALA A 93 5.95 23.02 -4.12
N GLU A 94 5.29 22.19 -4.88
CA GLU A 94 3.90 21.84 -4.59
C GLU A 94 3.72 21.21 -3.20
N ARG A 95 4.66 20.34 -2.80
CA ARG A 95 4.63 19.79 -1.45
C ARG A 95 4.78 20.88 -0.40
N ILE A 96 5.75 21.77 -0.59
CA ILE A 96 5.93 22.84 0.36
C ILE A 96 4.64 23.65 0.50
N ARG A 97 3.95 23.93 -0.59
CA ARG A 97 2.71 24.73 -0.51
C ARG A 97 1.60 24.00 0.25
N GLN A 98 1.66 22.68 0.27
CA GLN A 98 0.76 21.86 1.09
C GLN A 98 1.14 21.88 2.60
N ILE A 99 2.44 21.99 2.86
CA ILE A 99 2.97 22.17 4.19
C ILE A 99 2.57 23.48 4.77
N ASN A 100 2.93 24.56 4.06
CA ASN A 100 2.59 25.90 4.44
C ASN A 100 2.10 26.69 3.21
N PRO A 101 0.77 26.82 3.04
CA PRO A 101 0.22 27.56 1.90
C PRO A 101 0.62 29.03 1.87
N GLU A 102 1.08 29.58 3.00
CA GLU A 102 1.58 30.96 3.00
C GLU A 102 3.08 31.15 2.75
N CYS A 103 3.81 30.05 2.56
CA CYS A 103 5.23 30.13 2.17
C CYS A 103 5.34 30.58 0.74
N ARG A 104 6.24 31.49 0.47
CA ARG A 104 6.47 31.92 -0.95
C ARG A 104 7.54 31.11 -1.58
N VAL A 105 7.18 30.22 -2.48
CA VAL A 105 8.13 29.27 -3.02
C VAL A 105 8.46 29.64 -4.46
N THR A 106 9.75 29.71 -4.78
CA THR A 106 10.17 30.01 -6.16
C THR A 106 10.94 28.83 -6.67
N VAL A 107 10.61 28.38 -7.89
CA VAL A 107 11.38 27.34 -8.56
C VAL A 107 12.26 27.92 -9.64
N VAL A 108 13.54 27.64 -9.58
CA VAL A 108 14.50 27.87 -10.68
C VAL A 108 14.82 26.58 -11.37
N ASP A 109 14.26 26.42 -12.56
CA ASP A 109 14.43 25.17 -13.24
C ASP A 109 15.71 25.29 -14.06
N ASP A 110 16.87 25.08 -13.40
CA ASP A 110 18.20 25.24 -14.00
C ASP A 110 19.25 24.65 -13.10
N PHE A 111 20.46 24.50 -13.59
CA PHE A 111 21.66 24.18 -12.78
C PHE A 111 22.47 25.43 -12.63
N VAL A 112 23.19 25.54 -11.52
CA VAL A 112 24.07 26.66 -11.27
C VAL A 112 25.34 26.50 -12.10
N THR A 113 25.80 27.60 -12.70
CA THR A 113 27.10 27.59 -13.41
C THR A 113 27.86 28.87 -13.12
N PRO A 114 29.11 28.95 -13.61
CA PRO A 114 29.78 30.25 -13.38
C PRO A 114 29.05 31.42 -14.02
N ASP A 115 28.40 31.20 -15.14
CA ASP A 115 27.75 32.28 -15.85
C ASP A 115 26.44 32.73 -15.27
N ASN A 116 25.71 31.88 -14.56
CA ASN A 116 24.40 32.30 -14.08
C ASN A 116 24.36 32.47 -12.55
N VAL A 117 25.38 32.04 -11.82
CA VAL A 117 25.35 32.16 -10.32
C VAL A 117 25.06 33.54 -9.77
N ALA A 118 25.61 34.59 -10.39
CA ALA A 118 25.38 35.88 -9.89
C ALA A 118 23.93 36.31 -10.01
N GLN A 119 23.32 35.99 -11.16
CA GLN A 119 21.95 36.32 -11.39
C GLN A 119 21.09 35.58 -10.37
N TYR A 120 21.27 34.30 -10.25
CA TYR A 120 20.44 33.54 -9.28
C TYR A 120 20.68 33.93 -7.81
N MSE A 121 21.91 34.29 -7.43
CA MSE A 121 22.15 34.81 -6.08
C MSE A 121 21.73 36.25 -5.87
O MSE A 121 21.63 36.72 -4.73
CB MSE A 121 23.58 34.61 -5.61
CG MSE A 121 24.14 33.21 -5.78
SE MSE A 121 23.26 31.89 -4.52
CE MSE A 121 22.11 30.94 -5.82
N SER A 122 21.39 36.95 -6.95
CA SER A 122 21.12 38.41 -6.80
C SER A 122 19.87 38.69 -6.01
N VAL A 123 19.03 37.68 -5.84
CA VAL A 123 17.87 37.81 -5.01
C VAL A 123 18.16 38.30 -3.59
N GLY A 124 19.29 37.95 -3.02
CA GLY A 124 19.61 38.40 -1.67
C GLY A 124 19.11 37.45 -0.53
N TYR A 125 19.65 36.25 -0.48
CA TYR A 125 19.07 35.19 0.41
C TYR A 125 19.55 35.38 1.78
N SER A 126 18.74 34.95 2.76
CA SER A 126 19.20 34.85 4.15
C SER A 126 20.25 33.76 4.34
N TYR A 127 20.17 32.72 3.54
CA TYR A 127 21.09 31.57 3.56
C TYR A 127 20.96 30.78 2.26
N VAL A 128 22.02 30.14 1.88
CA VAL A 128 22.04 29.19 0.83
C VAL A 128 22.50 27.85 1.38
N ILE A 129 21.68 26.85 1.08
CA ILE A 129 22.01 25.46 1.33
C ILE A 129 22.48 24.78 0.06
N ASP A 130 23.76 24.51 0.04
CA ASP A 130 24.34 23.85 -1.15
C ASP A 130 24.27 22.32 -0.99
N ALA A 131 23.41 21.70 -1.78
CA ALA A 131 23.23 20.24 -1.81
C ALA A 131 23.46 19.71 -3.21
N ILE A 132 24.39 20.33 -3.94
CA ILE A 132 24.72 19.91 -5.28
C ILE A 132 25.67 18.69 -5.25
N ASP A 133 25.42 17.71 -6.11
CA ASP A 133 26.30 16.54 -6.13
C ASP A 133 27.52 16.74 -7.05
N SER A 134 27.42 17.50 -8.14
CA SER A 134 28.56 17.63 -9.10
C SER A 134 29.55 18.64 -8.63
N VAL A 135 30.83 18.33 -8.79
CA VAL A 135 31.83 19.16 -8.21
C VAL A 135 32.00 20.51 -8.89
N ARG A 136 31.82 20.57 -10.20
CA ARG A 136 32.01 21.85 -10.91
C ARG A 136 31.00 22.95 -10.55
N PRO A 137 29.72 22.68 -10.70
CA PRO A 137 28.78 23.70 -10.26
C PRO A 137 28.85 23.98 -8.76
N LYS A 138 29.06 22.93 -7.98
CA LYS A 138 29.28 23.06 -6.55
C LYS A 138 30.40 24.05 -6.23
N ALA A 139 31.56 23.90 -6.86
CA ALA A 139 32.66 24.83 -6.60
C ALA A 139 32.30 26.30 -6.98
N ALA A 140 31.65 26.48 -8.10
CA ALA A 140 31.19 27.78 -8.65
C ALA A 140 30.25 28.50 -7.63
N LEU A 141 29.30 27.74 -7.09
CA LEU A 141 28.33 28.27 -6.09
C LEU A 141 29.07 28.65 -4.82
N ILE A 142 29.95 27.78 -4.31
CA ILE A 142 30.65 28.06 -3.06
C ILE A 142 31.58 29.22 -3.22
N ALA A 143 32.32 29.26 -4.32
CA ALA A 143 33.28 30.35 -4.51
C ALA A 143 32.54 31.70 -4.56
N TYR A 144 31.44 31.76 -5.28
CA TYR A 144 30.62 32.95 -5.35
C TYR A 144 30.05 33.40 -4.02
N CYS A 145 29.42 32.48 -3.27
CA CYS A 145 28.90 32.87 -1.97
C CYS A 145 29.99 33.31 -1.01
N ARG A 146 31.12 32.65 -1.03
CA ARG A 146 32.16 32.91 -0.12
C ARG A 146 32.73 34.35 -0.41
N ARG A 147 33.00 34.66 -1.65
CA ARG A 147 33.49 36.01 -2.05
C ARG A 147 32.54 37.09 -1.70
N ASN A 148 31.27 36.78 -1.87
CA ASN A 148 30.25 37.80 -1.64
C ASN A 148 29.64 37.83 -0.25
N LYS A 149 30.22 37.06 0.69
CA LYS A 149 29.71 36.92 2.05
C LYS A 149 28.25 36.53 2.11
N ILE A 150 27.80 35.67 1.20
CA ILE A 150 26.45 35.20 1.24
C ILE A 150 26.50 33.98 2.24
N PRO A 151 25.68 33.99 3.30
CA PRO A 151 25.71 32.88 4.24
C PRO A 151 25.39 31.58 3.55
N LEU A 152 26.26 30.60 3.74
CA LEU A 152 26.19 29.35 3.02
C LEU A 152 26.57 28.17 3.91
N VAL A 153 25.88 27.06 3.73
CA VAL A 153 26.31 25.81 4.29
C VAL A 153 26.35 24.81 3.17
N THR A 154 27.45 24.07 3.07
CA THR A 154 27.59 23.12 2.05
C THR A 154 27.54 21.74 2.69
N THR A 155 27.33 20.74 1.86
CA THR A 155 27.20 19.36 2.26
C THR A 155 28.22 18.52 1.47
N GLY A 156 28.90 17.62 2.15
CA GLY A 156 29.79 16.67 1.53
C GLY A 156 29.01 15.52 0.87
N GLY A 157 29.68 14.45 0.54
CA GLY A 157 29.04 13.32 -0.07
C GLY A 157 28.34 12.50 1.00
N ALA A 158 27.06 12.21 0.81
CA ALA A 158 26.26 11.46 1.80
C ALA A 158 26.09 9.98 1.41
N GLY A 159 26.61 9.61 0.23
CA GLY A 159 26.59 8.21 -0.21
C GLY A 159 27.67 7.40 0.45
N GLY A 160 27.48 6.10 0.48
CA GLY A 160 28.48 5.21 1.06
C GLY A 160 28.64 5.38 2.55
N GLN A 161 27.56 5.82 3.22
CA GLN A 161 27.58 6.01 4.66
C GLN A 161 26.28 5.46 5.27
N ILE A 162 26.43 4.73 6.37
CA ILE A 162 25.25 4.11 7.00
C ILE A 162 24.88 4.68 8.40
N ASP A 163 25.76 5.44 9.05
CA ASP A 163 25.53 5.79 10.46
C ASP A 163 25.18 7.30 10.58
N PRO A 164 23.90 7.68 10.80
CA PRO A 164 23.51 9.09 10.92
C PRO A 164 24.16 9.80 12.11
N THR A 165 24.68 9.06 13.10
CA THR A 165 25.21 9.75 14.33
C THR A 165 26.62 10.32 14.18
N GLN A 166 27.26 10.05 13.04
CA GLN A 166 28.62 10.57 12.78
C GLN A 166 28.66 11.84 11.92
N ILE A 167 27.46 12.33 11.55
CA ILE A 167 27.32 13.59 10.79
C ILE A 167 27.66 14.80 11.69
N GLN A 168 28.43 15.74 11.15
CA GLN A 168 28.75 16.90 11.93
C GLN A 168 29.15 18.04 10.97
N VAL A 169 29.45 19.21 11.54
CA VAL A 169 29.75 20.41 10.74
C VAL A 169 31.15 20.85 11.08
N THR A 170 31.97 21.08 10.03
CA THR A 170 33.29 21.65 10.29
C THR A 170 33.63 22.52 9.04
N ASP A 171 34.72 23.25 9.14
CA ASP A 171 35.26 23.95 8.01
C ASP A 171 35.63 22.93 6.91
N LEU A 172 35.29 23.24 5.67
CA LEU A 172 35.57 22.43 4.52
C LEU A 172 37.00 21.99 4.44
N ALA A 173 37.94 22.80 4.96
CA ALA A 173 39.34 22.41 5.00
C ALA A 173 39.60 21.16 5.81
N LYS A 174 38.75 20.87 6.79
CA LYS A 174 38.98 19.88 7.80
C LYS A 174 38.13 18.62 7.67
N THR A 175 37.37 18.44 6.62
CA THR A 175 36.53 17.22 6.52
C THR A 175 37.42 16.03 6.25
N ILE A 176 36.97 14.83 6.65
CA ILE A 176 37.62 13.57 6.39
C ILE A 176 36.61 12.63 5.83
N GLN A 177 37.12 11.56 5.26
CA GLN A 177 36.35 10.47 4.73
C GLN A 177 35.19 10.96 3.85
N ASP A 178 35.53 11.88 2.93
CA ASP A 178 34.56 12.50 2.08
C ASP A 178 35.23 12.89 0.76
N PRO A 179 35.26 11.96 -0.16
CA PRO A 179 35.90 12.19 -1.47
C PRO A 179 35.30 13.35 -2.22
N LEU A 180 33.98 13.54 -2.09
CA LEU A 180 33.40 14.75 -2.72
C LEU A 180 33.99 16.06 -2.19
N ALA A 181 33.97 16.23 -0.87
CA ALA A 181 34.60 17.36 -0.24
C ALA A 181 36.07 17.54 -0.61
N ALA A 182 36.85 16.46 -0.73
CA ALA A 182 38.25 16.55 -1.12
C ALA A 182 38.42 17.08 -2.53
N LYS A 183 37.63 16.58 -3.48
CA LYS A 183 37.66 17.07 -4.88
C LYS A 183 37.23 18.53 -4.99
N LEU A 184 36.25 18.88 -4.16
CA LEU A 184 35.75 20.22 -4.11
C LEU A 184 36.85 21.15 -3.65
N ARG A 185 37.62 20.77 -2.62
CA ARG A 185 38.72 21.60 -2.21
C ARG A 185 39.71 21.80 -3.38
N GLU A 186 39.99 20.72 -4.10
CA GLU A 186 40.97 20.83 -5.20
C GLU A 186 40.47 21.77 -6.27
N ARG A 187 39.18 21.65 -6.58
CA ARG A 187 38.57 22.44 -7.65
C ARG A 187 38.56 23.94 -7.24
N LEU A 188 38.27 24.21 -5.98
CA LEU A 188 38.18 25.59 -5.49
C LEU A 188 39.57 26.25 -5.60
N LYS A 189 40.61 25.54 -5.18
CA LYS A 189 41.97 26.04 -5.29
C LYS A 189 42.37 26.23 -6.76
N SER A 190 42.25 25.18 -7.54
CA SER A 190 42.67 25.23 -8.93
C SER A 190 41.86 26.21 -9.80
N ASP A 191 40.56 26.32 -9.63
CA ASP A 191 39.72 27.08 -10.56
C ASP A 191 39.22 28.44 -10.06
N PHE A 192 39.34 28.72 -8.78
CA PHE A 192 38.72 29.90 -8.19
C PHE A 192 39.64 30.64 -7.28
N GLY A 193 40.86 30.15 -7.15
CA GLY A 193 41.79 30.73 -6.23
C GLY A 193 41.53 30.57 -4.77
N VAL A 194 40.55 29.74 -4.38
CA VAL A 194 40.22 29.61 -2.96
C VAL A 194 41.23 28.72 -2.24
N VAL A 195 41.87 29.25 -1.21
CA VAL A 195 42.87 28.50 -0.47
C VAL A 195 42.81 28.83 1.00
N LYS A 196 43.40 27.97 1.80
CA LYS A 196 43.37 28.15 3.24
C LYS A 196 43.95 29.47 3.78
N ASN A 197 43.32 29.92 4.84
CA ASN A 197 43.78 30.93 5.76
C ASN A 197 45.10 30.67 6.39
N SER A 198 45.55 31.65 7.18
CA SER A 198 46.66 31.46 8.12
C SER A 198 46.25 30.43 9.20
N LYS A 199 45.02 30.54 9.69
CA LYS A 199 44.40 29.47 10.50
C LYS A 199 44.10 28.10 9.81
N GLY A 200 44.32 27.93 8.51
CA GLY A 200 44.08 26.62 7.88
C GLY A 200 42.59 26.33 7.61
N LYS A 201 41.82 27.39 7.40
CA LYS A 201 40.40 27.30 7.15
C LYS A 201 40.09 27.89 5.80
N LEU A 202 39.16 27.28 5.09
CA LEU A 202 38.64 27.85 3.88
C LEU A 202 37.50 28.87 4.07
N GLY A 203 36.95 28.94 5.29
CA GLY A 203 35.87 29.82 5.63
C GLY A 203 34.58 29.36 4.93
N VAL A 204 34.36 28.05 4.89
CA VAL A 204 33.17 27.48 4.29
C VAL A 204 32.74 26.35 5.26
N ASP A 205 31.53 26.43 5.77
CA ASP A 205 31.00 25.41 6.69
C ASP A 205 30.46 24.25 5.91
N CYS A 206 30.84 23.02 6.32
CA CYS A 206 30.56 21.83 5.53
C CYS A 206 30.01 20.73 6.45
N VAL A 207 28.88 20.18 6.10
CA VAL A 207 28.30 19.02 6.80
C VAL A 207 28.99 17.76 6.20
N PHE A 208 29.61 16.94 7.02
CA PHE A 208 30.21 15.72 6.55
C PHE A 208 29.98 14.66 7.59
N SER A 209 30.47 13.46 7.36
CA SER A 209 30.49 12.44 8.39
C SER A 209 31.87 11.85 8.58
N THR A 210 32.24 11.61 9.83
CA THR A 210 33.54 10.98 10.13
C THR A 210 33.54 9.49 9.74
N GLU A 211 32.37 8.94 9.41
CA GLU A 211 32.31 7.54 9.11
C GLU A 211 33.15 7.20 7.86
N ALA A 212 33.86 6.08 7.87
CA ALA A 212 34.58 5.70 6.67
C ALA A 212 33.66 5.18 5.57
N LEU A 213 33.99 5.46 4.33
CA LEU A 213 33.11 5.09 3.21
C LEU A 213 32.97 3.60 3.09
N VAL A 214 31.77 3.19 2.70
CA VAL A 214 31.38 1.82 2.40
C VAL A 214 31.26 1.80 0.89
N TYR A 215 32.11 1.02 0.25
CA TYR A 215 32.23 0.95 -1.15
C TYR A 215 31.09 0.14 -1.79
N PRO A 216 30.91 0.32 -3.10
CA PRO A 216 29.74 -0.27 -3.68
C PRO A 216 29.74 -1.79 -3.49
N GLN A 217 28.59 -2.32 -3.06
CA GLN A 217 28.42 -3.73 -2.69
C GLN A 217 27.78 -4.52 -3.84
N SER A 239 25.58 4.38 -11.06
CA SER A 239 25.52 3.32 -10.09
C SER A 239 26.81 3.26 -9.27
N GLY A 240 27.04 4.28 -8.47
CA GLY A 240 28.30 4.35 -7.68
C GLY A 240 28.11 3.88 -6.26
N PHE A 241 28.44 4.73 -5.31
CA PHE A 241 28.20 4.40 -3.92
C PHE A 241 26.70 4.29 -3.75
N GLY A 242 26.23 3.47 -2.80
CA GLY A 242 24.80 3.50 -2.54
C GLY A 242 24.49 4.62 -1.55
N ALA A 243 23.27 4.59 -1.05
CA ALA A 243 22.82 5.62 -0.09
C ALA A 243 21.62 5.19 0.67
N ALA A 244 21.35 5.83 1.81
CA ALA A 244 20.20 5.53 2.59
C ALA A 244 19.56 6.88 3.08
N THR A 245 18.23 6.94 3.06
CA THR A 245 17.44 8.08 3.58
C THR A 245 17.95 8.52 4.94
N MSE A 246 18.22 7.54 5.81
CA MSE A 246 18.57 7.83 7.20
C MSE A 246 19.77 8.67 7.29
O MSE A 246 19.85 9.45 8.19
CB MSE A 246 18.78 6.57 8.04
CG MSE A 246 17.52 5.68 8.15
SE MSE A 246 17.26 4.44 6.58
CE MSE A 246 18.70 3.20 6.87
N VAL A 247 20.72 8.55 6.35
CA VAL A 247 21.92 9.36 6.36
C VAL A 247 21.79 10.61 5.49
N THR A 248 21.31 10.46 4.26
CA THR A 248 21.24 11.59 3.33
C THR A 248 20.32 12.67 3.89
N ALA A 249 19.17 12.27 4.43
CA ALA A 249 18.24 13.24 5.02
C ALA A 249 18.82 13.95 6.24
N THR A 250 19.61 13.22 7.03
CA THR A 250 20.26 13.77 8.17
C THR A 250 21.32 14.81 7.79
N PHE A 251 22.02 14.62 6.64
CA PHE A 251 22.90 15.66 6.09
C PHE A 251 22.10 16.94 5.92
N GLY A 252 20.92 16.82 5.31
CA GLY A 252 20.10 17.96 5.03
C GLY A 252 19.54 18.61 6.29
N PHE A 253 19.15 17.81 7.31
CA PHE A 253 18.60 18.30 8.50
C PHE A 253 19.70 18.99 9.30
N VAL A 254 20.89 18.45 9.30
CA VAL A 254 22.00 19.09 10.04
C VAL A 254 22.35 20.46 9.36
N ALA A 255 22.26 20.50 8.05
CA ALA A 255 22.55 21.73 7.33
C ALA A 255 21.56 22.80 7.73
N VAL A 256 20.28 22.46 7.71
CA VAL A 256 19.20 23.37 8.14
C VAL A 256 19.38 23.82 9.59
N SER A 257 19.59 22.90 10.54
CA SER A 257 19.73 23.33 11.93
C SER A 257 20.94 24.29 12.04
N HIS A 258 22.04 23.98 11.37
CA HIS A 258 23.21 24.82 11.44
C HIS A 258 22.85 26.27 10.92
N ALA A 259 22.21 26.34 9.75
CA ALA A 259 21.84 27.63 9.13
C ALA A 259 20.96 28.48 10.08
N LEU A 260 19.97 27.83 10.71
CA LEU A 260 19.05 28.52 11.54
C LEU A 260 19.77 28.97 12.80
N LYS A 261 20.67 28.14 13.30
CA LYS A 261 21.46 28.56 14.49
C LYS A 261 22.31 29.82 14.20
N LYS A 262 22.97 29.81 13.07
CA LYS A 262 23.77 30.93 12.61
C LYS A 262 22.93 32.16 12.40
N MSE A 263 21.79 32.02 11.78
CA MSE A 263 20.88 33.17 11.63
C MSE A 263 20.43 33.77 12.95
O MSE A 263 20.35 34.98 13.09
CB MSE A 263 19.65 32.79 10.75
CG MSE A 263 20.09 32.61 9.33
SE MSE A 263 18.69 31.49 8.37
CE MSE A 263 17.39 32.92 8.60
N MSE A 264 20.10 32.93 13.94
CA MSE A 264 19.66 33.41 15.26
C MSE A 264 20.80 34.06 16.01
O MSE A 264 20.60 35.13 16.61
CB MSE A 264 19.06 32.28 16.11
CG MSE A 264 17.73 31.83 15.55
SE MSE A 264 17.18 30.13 16.41
CE MSE A 264 17.22 30.65 18.32
N ALA A 265 22.01 33.57 15.84
CA ALA A 265 23.18 34.16 16.54
C ALA A 265 23.52 35.54 15.96
N LYS A 266 23.50 35.63 14.64
CA LYS A 266 23.72 36.89 13.93
C LYS A 266 22.68 37.94 14.38
N ALA A 267 21.40 37.54 14.41
CA ALA A 267 20.34 38.46 14.84
C ALA A 267 20.54 38.90 16.31
N ALA A 268 21.01 38.04 17.19
CA ALA A 268 21.19 38.36 18.60
C ALA A 268 22.43 39.24 18.82
N ARG A 269 23.35 39.18 17.87
CA ARG A 269 24.57 39.95 17.85
C ARG A 269 24.24 41.33 17.23
N GLN A 270 22.97 41.52 16.85
CA GLN A 270 22.47 42.67 16.10
C GLN A 270 23.23 42.96 14.82
N SER B 5 11.42 -15.85 1.10
CA SER B 5 10.01 -15.40 1.30
C SER B 5 9.56 -14.36 0.24
N VAL B 6 10.13 -13.15 0.20
CA VAL B 6 9.71 -12.16 -0.85
C VAL B 6 10.58 -12.26 -2.12
N VAL B 7 9.97 -12.37 -3.29
CA VAL B 7 10.76 -12.48 -4.52
C VAL B 7 10.92 -11.06 -5.04
N ILE B 8 12.15 -10.58 -5.08
CA ILE B 8 12.44 -9.18 -5.47
C ILE B 8 12.21 -8.93 -6.98
N SER B 9 11.20 -8.17 -7.31
CA SER B 9 10.89 -7.85 -8.68
C SER B 9 11.94 -6.90 -9.31
N ASP B 10 11.86 -6.75 -10.62
CA ASP B 10 12.76 -5.83 -11.31
C ASP B 10 12.43 -4.37 -10.95
N ALA B 11 11.17 -4.11 -10.70
CA ALA B 11 10.74 -2.78 -10.27
C ALA B 11 11.38 -2.43 -8.89
N TRP B 12 11.33 -3.39 -7.99
CA TRP B 12 11.92 -3.32 -6.67
C TRP B 12 13.43 -3.09 -6.76
N ARG B 13 14.13 -3.82 -7.64
CA ARG B 13 15.55 -3.56 -7.87
C ARG B 13 15.83 -2.18 -8.39
N GLN B 14 14.96 -1.68 -9.24
CA GLN B 14 15.08 -0.29 -9.70
C GLN B 14 14.91 0.76 -8.58
N ARG B 15 13.89 0.55 -7.75
CA ARG B 15 13.59 1.42 -6.61
C ARG B 15 14.73 1.47 -5.59
N PHE B 16 15.25 0.27 -5.29
CA PHE B 16 16.17 0.05 -4.19
C PHE B 16 17.55 -0.40 -4.62
N GLY B 17 17.95 -0.11 -5.85
CA GLY B 17 19.32 -0.42 -6.26
C GLY B 17 20.38 0.25 -5.39
N GLY B 18 20.05 1.45 -4.90
CA GLY B 18 20.98 2.20 -4.03
C GLY B 18 21.14 1.59 -2.67
N THR B 19 20.10 0.93 -2.22
CA THR B 19 20.09 0.19 -0.98
C THR B 19 21.05 -1.03 -1.12
N ALA B 20 20.89 -1.74 -2.22
CA ALA B 20 21.75 -2.92 -2.49
C ALA B 20 23.21 -2.53 -2.54
N ARG B 21 23.52 -1.40 -3.20
CA ARG B 21 24.88 -0.97 -3.34
C ARG B 21 25.49 -0.51 -2.00
N LEU B 22 24.66 -0.11 -1.04
CA LEU B 22 25.18 0.30 0.23
C LEU B 22 25.31 -0.88 1.23
N TYR B 23 24.30 -1.73 1.27
CA TYR B 23 24.25 -2.74 2.30
C TYR B 23 24.55 -4.17 1.81
N GLY B 24 24.44 -4.39 0.51
CA GLY B 24 24.73 -5.68 -0.14
C GLY B 24 23.41 -6.33 -0.56
N GLU B 25 23.51 -7.27 -1.47
CA GLU B 25 22.36 -8.05 -1.91
C GLU B 25 21.70 -8.92 -0.84
N LYS B 26 22.49 -9.55 0.02
CA LYS B 26 21.97 -10.34 1.13
C LYS B 26 21.12 -9.47 2.09
N ALA B 27 21.58 -8.25 2.33
CA ALA B 27 20.79 -7.28 3.10
C ALA B 27 19.55 -6.82 2.39
N LEU B 28 19.65 -6.50 1.11
CA LEU B 28 18.46 -6.20 0.33
C LEU B 28 17.40 -7.30 0.49
N GLN B 29 17.81 -8.57 0.44
CA GLN B 29 16.84 -9.70 0.63
C GLN B 29 16.32 -9.78 2.06
N LEU B 30 17.23 -9.62 3.00
CA LEU B 30 16.87 -9.61 4.42
C LEU B 30 15.80 -8.56 4.72
N PHE B 31 15.98 -7.37 4.13
CA PHE B 31 15.04 -6.26 4.34
C PHE B 31 13.71 -6.58 3.59
N ALA B 32 13.79 -7.09 2.37
CA ALA B 32 12.57 -7.43 1.66
C ALA B 32 11.73 -8.49 2.44
N ASP B 33 12.42 -9.38 3.15
CA ASP B 33 11.76 -10.47 3.88
C ASP B 33 11.32 -10.02 5.31
N ALA B 34 11.68 -8.80 5.71
CA ALA B 34 11.45 -8.36 7.08
C ALA B 34 10.05 -7.81 7.23
N HIS B 35 9.63 -7.77 8.48
CA HIS B 35 8.37 -7.19 8.88
C HIS B 35 8.65 -6.36 10.13
N ILE B 36 8.54 -5.04 9.98
CA ILE B 36 8.84 -4.14 11.09
C ILE B 36 7.57 -3.37 11.53
N CYS B 37 7.40 -3.24 12.82
CA CYS B 37 6.27 -2.53 13.41
C CYS B 37 6.68 -1.20 13.94
N VAL B 38 5.92 -0.17 13.58
CA VAL B 38 6.11 1.16 14.14
C VAL B 38 4.92 1.51 15.00
N VAL B 39 5.17 1.74 16.29
CA VAL B 39 4.12 2.20 17.23
C VAL B 39 4.25 3.69 17.51
N GLY B 40 3.21 4.40 17.04
CA GLY B 40 3.11 5.84 17.15
C GLY B 40 3.69 6.53 15.93
N ILE B 41 2.78 7.07 15.11
CA ILE B 41 3.14 7.61 13.82
C ILE B 41 3.17 9.17 13.90
N GLY B 42 4.03 9.69 14.76
CA GLY B 42 3.99 11.11 15.09
C GLY B 42 5.27 11.75 14.66
N GLY B 43 5.81 12.59 15.55
CA GLY B 43 7.00 13.33 15.25
C GLY B 43 8.22 12.47 15.01
N VAL B 44 8.28 11.33 15.70
CA VAL B 44 9.39 10.38 15.52
C VAL B 44 9.02 9.25 14.56
N GLY B 45 7.88 8.66 14.83
CA GLY B 45 7.48 7.44 14.14
C GLY B 45 7.13 7.62 12.70
N SER B 46 6.61 8.78 12.28
CA SER B 46 6.26 8.95 10.85
C SER B 46 7.52 8.92 9.97
N TRP B 47 8.63 9.50 10.44
CA TRP B 47 9.89 9.48 9.72
C TRP B 47 10.51 8.10 9.79
N ALA B 48 10.33 7.39 10.90
CA ALA B 48 10.86 6.02 10.96
C ALA B 48 10.14 5.19 9.91
N ALA B 49 8.84 5.29 9.83
CA ALA B 49 8.07 4.60 8.74
C ALA B 49 8.50 4.90 7.33
N GLU B 50 8.68 6.18 7.07
CA GLU B 50 9.23 6.66 5.79
C GLU B 50 10.58 5.98 5.47
N ALA B 51 11.52 5.98 6.43
CA ALA B 51 12.83 5.39 6.25
C ALA B 51 12.80 3.87 5.98
N LEU B 52 11.96 3.17 6.71
CA LEU B 52 11.73 1.71 6.48
C LEU B 52 11.30 1.49 5.04
N ALA B 53 10.30 2.19 4.59
CA ALA B 53 9.78 2.09 3.23
C ALA B 53 10.85 2.37 2.21
N ARG B 54 11.62 3.44 2.44
CA ARG B 54 12.69 3.85 1.54
C ARG B 54 13.95 2.97 1.62
N THR B 55 14.01 2.03 2.57
CA THR B 55 15.10 1.11 2.65
C THR B 55 14.67 -0.34 2.27
N GLY B 56 13.59 -0.44 1.46
CA GLY B 56 13.20 -1.72 0.95
C GLY B 56 12.70 -2.72 1.96
N ILE B 57 12.22 -2.26 3.11
CA ILE B 57 11.64 -3.20 4.09
C ILE B 57 10.31 -3.69 3.50
N GLY B 58 10.09 -5.01 3.55
CA GLY B 58 9.04 -5.59 2.74
C GLY B 58 7.65 -5.59 3.34
N ALA B 59 7.60 -5.49 4.65
CA ALA B 59 6.36 -5.45 5.39
C ALA B 59 6.46 -4.48 6.53
N ILE B 60 5.45 -3.65 6.68
CA ILE B 60 5.43 -2.66 7.74
C ILE B 60 4.07 -2.59 8.37
N THR B 61 4.03 -2.68 9.69
CA THR B 61 2.81 -2.42 10.43
C THR B 61 2.93 -1.08 11.14
N LEU B 62 1.82 -0.34 11.10
CA LEU B 62 1.70 0.96 11.70
C LEU B 62 0.56 0.99 12.73
N ILE B 63 0.87 1.39 13.96
CA ILE B 63 -0.09 1.39 15.06
C ILE B 63 -0.31 2.76 15.63
N ASP B 64 -1.49 3.29 15.42
CA ASP B 64 -1.86 4.63 15.95
C ASP B 64 -3.35 4.84 15.65
N MSE B 65 -4.01 5.59 16.52
CA MSE B 65 -5.41 5.95 16.32
C MSE B 65 -5.67 7.42 16.12
O MSE B 65 -6.79 7.82 15.97
CB MSE B 65 -6.11 5.64 17.62
CG MSE B 65 -7.33 4.86 17.23
SE MSE B 65 -8.14 4.30 18.94
CE MSE B 65 -7.10 5.15 20.35
N ASP B 66 -4.66 8.26 16.14
CA ASP B 66 -4.85 9.69 16.06
C ASP B 66 -5.05 10.19 14.64
N ASP B 67 -5.60 11.39 14.54
CA ASP B 67 -5.79 12.03 13.28
C ASP B 67 -4.74 13.11 13.02
N VAL B 68 -4.49 13.38 11.74
CA VAL B 68 -3.61 14.50 11.36
C VAL B 68 -4.23 15.80 11.86
N CYS B 69 -3.43 16.58 12.60
CA CYS B 69 -3.79 17.89 13.13
C CYS B 69 -2.86 18.94 12.53
N VAL B 70 -3.43 20.11 12.29
CA VAL B 70 -2.64 21.19 11.72
C VAL B 70 -1.40 21.47 12.61
N THR B 71 -1.50 21.27 13.93
CA THR B 71 -0.40 21.57 14.85
C THR B 71 0.74 20.51 14.69
N ASN B 72 0.50 19.45 13.91
CA ASN B 72 1.50 18.42 13.59
C ASN B 72 2.57 18.94 12.57
N THR B 73 2.29 20.08 11.90
CA THR B 73 3.00 20.54 10.74
C THR B 73 4.48 20.74 10.96
N ASN B 74 4.88 21.19 12.12
CA ASN B 74 6.28 21.42 12.39
C ASN B 74 7.18 20.15 12.42
N ARG B 75 6.58 18.95 12.57
CA ARG B 75 7.39 17.78 12.83
C ARG B 75 6.91 16.42 12.33
N GLN B 76 5.89 16.33 11.50
CA GLN B 76 5.31 15.05 11.05
C GLN B 76 5.11 15.02 9.57
N ILE B 77 5.67 14.03 8.90
CA ILE B 77 5.78 13.99 7.45
C ILE B 77 4.45 13.86 6.73
N HIS B 78 3.45 13.35 7.44
CA HIS B 78 2.10 13.25 6.89
C HIS B 78 1.23 14.53 7.11
N ALA B 79 1.76 15.53 7.83
CA ALA B 79 0.99 16.75 8.11
C ALA B 79 1.06 17.72 6.91
N LEU B 80 0.01 17.69 6.09
CA LEU B 80 -0.16 18.47 4.89
C LEU B 80 -1.60 18.95 4.88
N ARG B 81 -1.86 20.12 4.29
CA ARG B 81 -3.19 20.73 4.36
C ARG B 81 -4.29 19.76 4.02
N ASP B 82 -4.10 18.96 2.97
CA ASP B 82 -5.17 18.07 2.48
C ASP B 82 -5.39 16.85 3.35
N ASN B 83 -4.45 16.51 4.22
CA ASN B 83 -4.57 15.39 5.11
C ASN B 83 -5.16 15.69 6.47
N VAL B 84 -5.41 16.96 6.80
CA VAL B 84 -5.87 17.29 8.12
C VAL B 84 -7.22 16.58 8.39
N GLY B 85 -7.34 15.99 9.57
CA GLY B 85 -8.56 15.24 9.90
C GLY B 85 -8.53 13.77 9.60
N LEU B 86 -7.70 13.33 8.64
CA LEU B 86 -7.56 11.92 8.35
C LEU B 86 -6.68 11.18 9.36
N ALA B 87 -6.88 9.87 9.46
CA ALA B 87 -6.13 9.04 10.40
C ALA B 87 -4.69 8.96 9.92
N LYS B 88 -3.78 9.36 10.80
CA LYS B 88 -2.32 9.41 10.57
C LYS B 88 -1.79 8.14 9.98
N ALA B 89 -2.18 7.01 10.57
CA ALA B 89 -1.65 5.73 10.15
C ALA B 89 -2.08 5.36 8.73
N GLU B 90 -3.32 5.70 8.37
CA GLU B 90 -3.77 5.41 7.07
C GLU B 90 -3.15 6.31 6.02
N VAL B 91 -2.99 7.59 6.33
CA VAL B 91 -2.27 8.53 5.43
C VAL B 91 -0.84 8.04 5.19
N MSE B 92 -0.18 7.60 6.26
CA MSE B 92 1.16 7.05 6.11
C MSE B 92 1.20 5.76 5.35
O MSE B 92 2.10 5.54 4.49
CB MSE B 92 1.75 6.97 7.53
CG MSE B 92 3.20 6.57 7.47
SE MSE B 92 4.32 8.19 6.99
CE MSE B 92 5.60 7.15 6.01
N ALA B 93 0.26 4.86 5.61
CA ALA B 93 0.21 3.64 4.86
C ALA B 93 0.08 3.98 3.37
N GLU B 94 -0.78 4.93 3.07
CA GLU B 94 -1.03 5.28 1.66
C GLU B 94 0.25 5.87 0.99
N ARG B 95 0.99 6.67 1.74
CA ARG B 95 2.28 7.18 1.28
C ARG B 95 3.28 6.03 1.08
N ILE B 96 3.30 5.06 2.00
CA ILE B 96 4.23 3.97 1.86
C ILE B 96 3.92 3.16 0.57
N ARG B 97 2.64 3.08 0.21
CA ARG B 97 2.25 2.39 -1.04
C ARG B 97 2.74 3.13 -2.28
N GLN B 98 2.89 4.45 -2.17
CA GLN B 98 3.41 5.30 -3.24
C GLN B 98 4.93 5.19 -3.35
N ILE B 99 5.61 4.97 -2.20
CA ILE B 99 7.02 4.70 -2.20
C ILE B 99 7.37 3.33 -2.77
N ASN B 100 6.71 2.30 -2.25
CA ASN B 100 6.93 0.94 -2.69
C ASN B 100 5.56 0.23 -2.81
N PRO B 101 4.97 0.21 -4.03
CA PRO B 101 3.65 -0.45 -4.21
C PRO B 101 3.66 -1.91 -3.81
N GLU B 102 4.81 -2.55 -3.72
CA GLU B 102 4.83 -3.92 -3.33
C GLU B 102 5.10 -4.15 -1.87
N CYS B 103 5.17 -3.09 -1.08
CA CYS B 103 5.34 -3.24 0.37
C CYS B 103 4.03 -3.72 0.96
N ARG B 104 4.10 -4.65 1.91
CA ARG B 104 2.86 -5.12 2.55
C ARG B 104 2.62 -4.27 3.79
N VAL B 105 1.65 -3.35 3.74
CA VAL B 105 1.40 -2.44 4.87
C VAL B 105 0.15 -2.77 5.63
N THR B 106 0.28 -2.86 6.95
CA THR B 106 -0.86 -3.17 7.82
C THR B 106 -1.08 -1.98 8.78
N VAL B 107 -2.32 -1.47 8.83
CA VAL B 107 -2.70 -0.40 9.73
C VAL B 107 -3.47 -1.00 10.90
N VAL B 108 -2.98 -0.81 12.14
CA VAL B 108 -3.76 -1.10 13.32
C VAL B 108 -4.31 0.22 13.84
N ASP B 109 -5.63 0.35 13.77
CA ASP B 109 -6.30 1.57 14.09
C ASP B 109 -6.64 1.55 15.57
N ASP B 110 -5.64 1.69 16.42
CA ASP B 110 -5.82 1.56 17.84
C ASP B 110 -4.58 2.09 18.54
N PHE B 111 -4.67 2.27 19.86
CA PHE B 111 -3.50 2.53 20.72
C PHE B 111 -3.08 1.25 21.45
N VAL B 112 -1.78 1.11 21.68
CA VAL B 112 -1.26 0.00 22.46
C VAL B 112 -1.61 0.25 23.91
N THR B 113 -2.09 -0.78 24.60
CA THR B 113 -2.35 -0.71 26.06
C THR B 113 -1.80 -1.97 26.72
N PRO B 114 -1.69 -1.98 28.07
CA PRO B 114 -1.28 -3.20 28.75
C PRO B 114 -2.11 -4.36 28.40
N ASP B 115 -3.38 -4.15 28.09
CA ASP B 115 -4.28 -5.26 27.83
C ASP B 115 -4.28 -5.77 26.44
N ASN B 116 -3.87 -4.97 25.45
CA ASN B 116 -3.83 -5.47 24.08
C ASN B 116 -2.42 -5.73 23.50
N VAL B 117 -1.38 -5.42 24.26
CA VAL B 117 -0.04 -5.49 23.72
C VAL B 117 0.36 -6.86 23.20
N ALA B 118 -0.05 -7.92 23.90
CA ALA B 118 0.28 -9.27 23.50
C ALA B 118 -0.30 -9.67 22.13
N GLN B 119 -1.50 -9.21 21.88
CA GLN B 119 -2.12 -9.40 20.57
C GLN B 119 -1.43 -8.67 19.44
N TYR B 120 -1.01 -7.45 19.71
CA TYR B 120 -0.38 -6.67 18.66
C TYR B 120 1.08 -7.05 18.40
N MSE B 121 1.74 -7.66 19.38
CA MSE B 121 3.13 -8.18 19.19
C MSE B 121 3.17 -9.64 18.74
O MSE B 121 4.11 -10.10 18.06
CB MSE B 121 3.86 -7.99 20.47
CG MSE B 121 3.96 -6.53 20.85
SE MSE B 121 5.05 -5.51 19.48
CE MSE B 121 5.15 -3.88 20.31
N SER B 122 2.10 -10.38 19.07
CA SER B 122 1.96 -11.82 18.71
C SER B 122 2.29 -12.19 17.25
N VAL B 123 2.24 -11.22 16.31
CA VAL B 123 2.50 -11.43 14.88
C VAL B 123 3.90 -11.93 14.47
N GLY B 124 4.93 -11.75 15.29
CA GLY B 124 6.29 -12.20 14.90
C GLY B 124 7.11 -11.20 14.04
N TYR B 125 7.35 -10.02 14.60
CA TYR B 125 8.02 -8.96 13.86
C TYR B 125 9.53 -9.17 13.88
N SER B 126 10.20 -8.76 12.79
CA SER B 126 11.67 -8.69 12.78
C SER B 126 12.15 -7.67 13.76
N TYR B 127 11.35 -6.61 13.97
CA TYR B 127 11.75 -5.51 14.83
C TYR B 127 10.55 -4.66 15.17
N VAL B 128 10.63 -4.02 16.32
CA VAL B 128 9.66 -3.06 16.78
C VAL B 128 10.34 -1.73 17.03
N ILE B 129 9.78 -0.69 16.43
CA ILE B 129 10.26 0.65 16.73
C ILE B 129 9.19 1.37 17.57
N ASP B 130 9.51 1.68 18.82
CA ASP B 130 8.52 2.27 19.73
C ASP B 130 8.69 3.79 19.71
N ALA B 131 7.70 4.47 19.16
CA ALA B 131 7.73 5.92 19.06
C ALA B 131 6.53 6.55 19.73
N ILE B 132 6.08 5.91 20.81
CA ILE B 132 4.90 6.33 21.59
C ILE B 132 5.37 7.43 22.53
N ASP B 133 4.57 8.43 22.75
CA ASP B 133 4.92 9.48 23.72
C ASP B 133 4.43 9.24 25.16
N SER B 134 3.24 8.64 25.37
CA SER B 134 2.68 8.41 26.70
C SER B 134 3.35 7.28 27.41
N VAL B 135 3.60 7.48 28.70
CA VAL B 135 4.51 6.65 29.44
C VAL B 135 3.95 5.28 29.81
N ARG B 136 2.72 5.16 30.29
CA ARG B 136 2.25 3.85 30.77
C ARG B 136 2.17 2.81 29.66
N PRO B 137 1.57 3.14 28.50
CA PRO B 137 1.66 2.21 27.36
C PRO B 137 3.08 1.93 26.82
N LYS B 138 3.90 2.97 26.78
CA LYS B 138 5.27 2.83 26.40
C LYS B 138 5.96 1.78 27.32
N ALA B 139 5.82 1.93 28.64
CA ALA B 139 6.40 0.95 29.57
C ALA B 139 5.89 -0.45 29.32
N ALA B 140 4.61 -0.56 29.08
CA ALA B 140 4.00 -1.88 28.83
C ALA B 140 4.52 -2.52 27.55
N LEU B 141 4.67 -1.71 26.50
CA LEU B 141 5.20 -2.19 25.22
C LEU B 141 6.62 -2.67 25.41
N ILE B 142 7.45 -1.86 26.07
CA ILE B 142 8.81 -2.24 26.27
C ILE B 142 8.97 -3.53 27.12
N ALA B 143 8.28 -3.58 28.24
CA ALA B 143 8.30 -4.77 29.13
C ALA B 143 7.94 -6.05 28.38
N TYR B 144 6.90 -5.96 27.55
CA TYR B 144 6.45 -7.11 26.80
C TYR B 144 7.48 -7.53 25.76
N CYS B 145 8.05 -6.57 25.00
CA CYS B 145 9.06 -6.93 24.06
C CYS B 145 10.29 -7.49 24.73
N ARG B 146 10.68 -6.87 25.82
CA ARG B 146 11.87 -7.29 26.45
C ARG B 146 11.74 -8.73 27.01
N ARG B 147 10.62 -9.00 27.65
CA ARG B 147 10.33 -10.36 28.19
C ARG B 147 10.30 -11.40 27.12
N ASN B 148 9.71 -11.07 25.95
CA ASN B 148 9.53 -11.99 24.87
C ASN B 148 10.62 -12.04 23.80
N LYS B 149 11.74 -11.40 24.06
CA LYS B 149 12.90 -11.34 23.17
C LYS B 149 12.54 -10.78 21.81
N ILE B 150 11.58 -9.86 21.76
CA ILE B 150 11.17 -9.26 20.52
C ILE B 150 12.12 -8.08 20.28
N PRO B 151 12.81 -8.07 19.12
CA PRO B 151 13.81 -7.00 18.92
C PRO B 151 13.14 -5.64 18.88
N LEU B 152 13.62 -4.76 19.72
CA LEU B 152 13.00 -3.46 19.98
C LEU B 152 14.03 -2.37 20.05
N VAL B 153 13.69 -1.26 19.42
CA VAL B 153 14.37 0.00 19.77
C VAL B 153 13.33 1.01 20.25
N THR B 154 13.60 1.63 21.37
CA THR B 154 12.73 2.67 21.88
C THR B 154 13.39 4.08 21.70
N THR B 155 12.55 5.11 21.78
CA THR B 155 12.97 6.47 21.51
C THR B 155 12.53 7.31 22.68
N GLY B 156 13.48 8.02 23.30
CA GLY B 156 13.19 8.99 24.37
C GLY B 156 12.45 10.22 23.84
N GLY B 157 12.45 11.29 24.64
CA GLY B 157 11.72 12.50 24.25
C GLY B 157 12.57 13.25 23.23
N ALA B 158 11.98 13.53 22.06
CA ALA B 158 12.65 14.35 21.01
C ALA B 158 12.21 15.81 21.05
N GLY B 159 11.25 16.18 21.91
CA GLY B 159 10.89 17.58 22.05
C GLY B 159 11.90 18.38 22.86
N GLY B 160 11.92 19.70 22.67
CA GLY B 160 12.76 20.59 23.49
C GLY B 160 14.22 20.51 23.15
N GLN B 161 14.54 20.00 21.97
CA GLN B 161 15.88 19.81 21.52
C GLN B 161 16.08 20.40 20.11
N ILE B 162 17.20 21.09 19.90
CA ILE B 162 17.48 21.64 18.61
C ILE B 162 18.64 21.04 17.80
N ASP B 163 19.44 20.15 18.41
CA ASP B 163 20.67 19.72 17.73
C ASP B 163 20.64 18.28 17.28
N PRO B 164 20.47 18.02 15.96
CA PRO B 164 20.41 16.66 15.53
C PRO B 164 21.72 15.85 15.70
N THR B 165 22.84 16.51 15.89
CA THR B 165 24.13 15.80 15.95
C THR B 165 24.36 15.16 17.37
N GLN B 166 23.54 15.46 18.36
CA GLN B 166 23.74 14.88 19.75
C GLN B 166 22.89 13.61 19.99
N ILE B 167 22.18 13.15 18.96
CA ILE B 167 21.34 11.97 19.06
C ILE B 167 22.17 10.70 18.99
N GLN B 168 21.92 9.74 19.87
CA GLN B 168 22.70 8.52 19.85
C GLN B 168 21.86 7.43 20.50
N VAL B 169 22.35 6.22 20.50
CA VAL B 169 21.64 5.09 21.08
C VAL B 169 22.46 4.53 22.23
N THR B 170 21.81 4.22 23.34
CA THR B 170 22.50 3.57 24.40
C THR B 170 21.47 2.71 25.15
N ASP B 171 21.92 1.93 26.14
CA ASP B 171 20.95 1.21 27.01
C ASP B 171 20.10 2.23 27.75
N LEU B 172 18.82 1.96 27.88
CA LEU B 172 17.92 2.84 28.60
C LEU B 172 18.45 3.18 30.01
N ALA B 173 19.27 2.32 30.59
CA ALA B 173 19.75 2.63 31.93
C ALA B 173 20.71 3.80 31.91
N LYS B 174 21.37 4.06 30.79
CA LYS B 174 22.45 5.04 30.75
C LYS B 174 22.10 6.36 30.09
N THR B 175 20.83 6.61 29.79
CA THR B 175 20.46 7.86 29.12
C THR B 175 20.62 9.03 30.07
N ILE B 176 20.96 10.19 29.49
CA ILE B 176 21.08 11.47 30.21
C ILE B 176 20.28 12.55 29.49
N GLN B 177 19.89 13.57 30.26
CA GLN B 177 19.19 14.73 29.73
C GLN B 177 17.97 14.27 28.95
N ASP B 178 17.31 13.24 29.47
CA ASP B 178 16.04 12.80 28.89
C ASP B 178 15.04 12.41 30.01
N PRO B 179 14.12 13.32 30.33
CA PRO B 179 13.15 13.12 31.41
C PRO B 179 12.15 12.04 31.09
N LEU B 180 11.75 11.92 29.81
CA LEU B 180 10.88 10.82 29.40
C LEU B 180 11.54 9.48 29.74
N ALA B 181 12.78 9.30 29.27
CA ALA B 181 13.54 8.09 29.50
C ALA B 181 13.68 7.80 31.01
N ALA B 182 13.77 8.84 31.83
CA ALA B 182 13.88 8.65 33.29
C ALA B 182 12.56 8.26 33.94
N LYS B 183 11.44 8.85 33.52
CA LYS B 183 10.12 8.40 34.03
C LYS B 183 9.80 6.99 33.58
N LEU B 184 10.25 6.65 32.39
CA LEU B 184 10.11 5.29 31.86
C LEU B 184 10.76 4.23 32.78
N ARG B 185 12.04 4.42 33.12
CA ARG B 185 12.78 3.49 33.97
C ARG B 185 12.04 3.23 35.27
N GLU B 186 11.39 4.27 35.77
CA GLU B 186 10.62 4.19 37.00
C GLU B 186 9.37 3.38 36.86
N ARG B 187 8.61 3.65 35.81
CA ARG B 187 7.38 2.89 35.54
C ARG B 187 7.69 1.40 35.29
N LEU B 188 8.86 1.14 34.70
CA LEU B 188 9.27 -0.21 34.36
C LEU B 188 9.68 -0.99 35.60
N LYS B 189 10.44 -0.32 36.46
CA LYS B 189 10.74 -0.85 37.80
C LYS B 189 9.46 -1.02 38.61
N SER B 190 8.60 0.00 38.62
CA SER B 190 7.45 -0.03 39.52
C SER B 190 6.40 -1.03 39.02
N ASP B 191 5.91 -0.93 37.79
CA ASP B 191 4.84 -1.83 37.31
C ASP B 191 5.22 -3.18 36.68
N PHE B 192 6.50 -3.48 36.38
CA PHE B 192 6.86 -4.69 35.59
C PHE B 192 8.08 -5.42 36.10
N GLY B 193 8.64 -4.91 37.20
CA GLY B 193 9.87 -5.41 37.80
C GLY B 193 11.05 -5.47 36.89
N VAL B 194 11.23 -4.48 36.03
CA VAL B 194 12.39 -4.43 35.16
C VAL B 194 13.41 -3.48 35.78
N VAL B 195 14.58 -4.01 36.09
CA VAL B 195 15.59 -3.26 36.85
C VAL B 195 16.92 -3.67 36.28
N LYS B 196 17.95 -2.88 36.57
CA LYS B 196 19.26 -3.07 35.96
C LYS B 196 19.83 -4.44 36.29
N ASN B 197 20.52 -5.06 35.36
CA ASN B 197 21.19 -6.27 35.72
C ASN B 197 22.47 -5.86 36.40
N SER B 198 23.35 -6.80 36.66
CA SER B 198 24.56 -6.51 37.45
C SER B 198 25.53 -5.62 36.67
N LYS B 199 25.58 -5.76 35.35
CA LYS B 199 26.36 -4.83 34.51
C LYS B 199 25.78 -3.41 34.35
N GLY B 200 24.66 -3.11 35.00
CA GLY B 200 24.07 -1.76 35.02
C GLY B 200 23.08 -1.47 33.89
N LYS B 201 22.65 -2.52 33.18
CA LYS B 201 21.82 -2.36 31.97
C LYS B 201 20.42 -2.95 32.10
N LEU B 202 19.47 -2.36 31.36
CA LEU B 202 18.08 -2.83 31.38
C LEU B 202 17.84 -3.73 30.22
N GLY B 203 18.80 -3.84 29.31
CA GLY B 203 18.62 -4.61 28.14
C GLY B 203 17.57 -4.07 27.18
N VAL B 204 17.52 -2.73 27.10
CA VAL B 204 16.60 -2.04 26.18
C VAL B 204 17.40 -0.92 25.49
N ASP B 205 17.52 -0.99 24.17
CA ASP B 205 18.22 0.03 23.38
C ASP B 205 17.31 1.28 23.24
N CYS B 206 17.85 2.47 23.49
CA CYS B 206 17.04 3.67 23.45
C CYS B 206 17.76 4.75 22.66
N VAL B 207 17.06 5.33 21.69
CA VAL B 207 17.53 6.63 21.03
C VAL B 207 17.26 7.81 21.93
N PHE B 208 18.28 8.63 22.21
CA PHE B 208 18.10 9.75 23.06
C PHE B 208 19.08 10.83 22.63
N SER B 209 18.97 12.00 23.22
CA SER B 209 19.97 13.03 22.98
C SER B 209 20.57 13.49 24.27
N THR B 210 21.88 13.75 24.22
CA THR B 210 22.61 14.36 25.31
C THR B 210 22.27 15.84 25.53
N GLU B 211 21.54 16.45 24.61
CA GLU B 211 21.23 17.86 24.70
C GLU B 211 20.27 18.22 25.82
N ALA B 212 20.58 19.24 26.57
CA ALA B 212 19.67 19.72 27.64
C ALA B 212 18.39 20.29 27.08
N LEU B 213 17.30 19.97 27.72
CA LEU B 213 16.01 20.33 27.23
C LEU B 213 15.76 21.83 27.33
N VAL B 214 15.04 22.33 26.32
CA VAL B 214 14.69 23.72 26.17
C VAL B 214 13.23 23.88 26.56
N TYR B 215 12.98 24.73 27.52
CA TYR B 215 11.64 24.95 28.09
C TYR B 215 11.06 26.29 27.69
N PRO B 216 9.84 26.32 27.14
CA PRO B 216 9.17 27.54 26.75
C PRO B 216 8.79 28.32 28.00
N GLN B 217 9.05 29.62 28.01
CA GLN B 217 8.72 30.50 29.14
C GLN B 217 7.44 31.27 28.83
N SER B 218 6.84 31.84 29.85
CA SER B 218 5.63 32.65 29.68
C SER B 218 5.85 33.88 28.80
N ASP B 219 7.05 34.45 28.77
CA ASP B 219 7.27 35.63 27.94
C ASP B 219 7.60 35.28 26.45
N GLY B 220 7.54 34.01 26.04
CA GLY B 220 7.80 33.65 24.62
C GLY B 220 9.28 33.41 24.29
N THR B 221 10.14 33.44 25.30
CA THR B 221 11.51 33.01 25.16
C THR B 221 11.55 31.56 25.55
N VAL B 222 12.71 30.96 25.32
CA VAL B 222 12.90 29.58 25.67
C VAL B 222 14.17 29.54 26.50
N CYS B 223 14.21 28.60 27.43
CA CYS B 223 15.38 28.50 28.27
C CYS B 223 15.79 27.06 28.44
N ALA B 224 16.99 26.75 27.95
CA ALA B 224 17.60 25.44 28.13
C ALA B 224 17.90 25.25 29.62
N MSE B 225 17.63 24.04 30.12
CA MSE B 225 17.81 23.66 31.52
C MSE B 225 18.07 22.14 31.56
O MSE B 225 17.30 21.35 30.95
CB MSE B 225 16.59 24.06 32.39
CG MSE B 225 16.30 25.57 32.39
SE MSE B 225 14.97 26.15 33.46
CE MSE B 225 13.57 26.28 32.35
N LYS B 226 19.14 21.76 32.27
CA LYS B 226 19.67 20.38 32.30
C LYS B 226 18.90 19.46 33.26
N SER B 239 1.46 23.81 25.07
CA SER B 239 1.28 22.38 25.33
C SER B 239 2.65 21.70 25.44
N GLY B 240 3.42 22.11 26.45
CA GLY B 240 4.72 21.52 26.71
C GLY B 240 5.76 21.90 25.67
N PHE B 241 6.68 20.98 25.39
CA PHE B 241 7.85 21.32 24.60
C PHE B 241 7.50 21.65 23.16
N GLY B 242 8.29 22.47 22.54
CA GLY B 242 8.25 22.60 21.10
C GLY B 242 9.10 21.50 20.49
N ALA B 243 9.16 21.48 19.17
CA ALA B 243 9.91 20.45 18.47
C ALA B 243 10.27 20.94 17.08
N ALA B 244 11.20 20.24 16.44
CA ALA B 244 11.66 20.54 15.07
C ALA B 244 11.86 19.25 14.31
N THR B 245 11.45 19.27 13.03
CA THR B 245 11.62 18.17 12.15
C THR B 245 13.05 17.66 12.16
N MSE B 246 14.01 18.57 12.14
CA MSE B 246 15.42 18.18 12.02
C MSE B 246 15.85 17.23 13.16
O MSE B 246 16.67 16.36 12.93
CB MSE B 246 16.34 19.43 12.01
CG MSE B 246 16.17 20.19 10.63
SE MSE B 246 14.70 21.42 10.86
CE MSE B 246 15.42 22.68 12.26
N VAL B 247 15.30 17.40 14.35
CA VAL B 247 15.62 16.58 15.49
C VAL B 247 14.66 15.36 15.57
N THR B 248 13.37 15.58 15.52
CA THR B 248 12.41 14.44 15.66
C THR B 248 12.60 13.44 14.58
N ALA B 249 12.79 13.88 13.33
CA ALA B 249 13.03 12.91 12.24
C ALA B 249 14.30 12.17 12.41
N THR B 250 15.32 12.81 12.95
CA THR B 250 16.63 12.17 13.09
C THR B 250 16.53 11.10 14.21
N PHE B 251 15.78 11.34 15.29
CA PHE B 251 15.44 10.24 16.23
C PHE B 251 14.93 9.00 15.47
N GLY B 252 13.95 9.22 14.60
CA GLY B 252 13.37 8.11 13.81
C GLY B 252 14.39 7.42 12.93
N PHE B 253 15.24 8.23 12.28
CA PHE B 253 16.27 7.68 11.39
C PHE B 253 17.35 6.91 12.12
N VAL B 254 17.74 7.38 13.29
CA VAL B 254 18.76 6.72 14.11
C VAL B 254 18.18 5.41 14.64
N ALA B 255 16.93 5.41 15.05
CA ALA B 255 16.24 4.15 15.37
C ALA B 255 16.26 3.13 14.25
N VAL B 256 15.83 3.53 13.05
CA VAL B 256 15.87 2.63 11.94
C VAL B 256 17.27 2.14 11.61
N SER B 257 18.26 3.01 11.47
CA SER B 257 19.63 2.54 11.21
C SER B 257 20.15 1.58 12.30
N HIS B 258 19.80 1.81 13.55
CA HIS B 258 20.21 0.92 14.63
C HIS B 258 19.61 -0.48 14.43
N ALA B 259 18.34 -0.51 14.14
CA ALA B 259 17.64 -1.77 13.96
C ALA B 259 18.22 -2.54 12.82
N LEU B 260 18.47 -1.88 11.70
CA LEU B 260 18.99 -2.60 10.56
C LEU B 260 20.40 -3.12 10.81
N LYS B 261 21.19 -2.34 11.52
CA LYS B 261 22.52 -2.78 11.89
C LYS B 261 22.46 -4.10 12.67
N LYS B 262 21.59 -4.12 13.66
CA LYS B 262 21.37 -5.30 14.54
C LYS B 262 20.87 -6.49 13.79
N MSE B 263 19.94 -6.27 12.86
CA MSE B 263 19.45 -7.34 12.02
C MSE B 263 20.50 -7.90 11.10
O MSE B 263 20.61 -9.12 10.92
CB MSE B 263 18.29 -6.89 11.15
CG MSE B 263 17.10 -6.54 12.01
SE MSE B 263 15.77 -5.62 10.85
CE MSE B 263 15.51 -6.67 9.21
N MSE B 264 21.29 -7.04 10.45
CA MSE B 264 22.37 -7.57 9.62
C MSE B 264 23.42 -8.33 10.40
O MSE B 264 23.86 -9.37 9.92
CB MSE B 264 22.96 -6.35 8.86
CG MSE B 264 22.03 -5.88 7.73
SE MSE B 264 22.99 -4.37 6.79
CE MSE B 264 24.62 -5.24 6.16
N ALA B 265 23.84 -7.83 11.56
CA ALA B 265 24.73 -8.54 12.47
C ALA B 265 24.14 -9.94 12.84
N LYS B 266 22.89 -10.00 13.21
CA LYS B 266 22.26 -11.29 13.52
C LYS B 266 22.31 -12.22 12.31
N ALA B 267 22.01 -11.71 11.12
CA ALA B 267 22.06 -12.54 9.93
C ALA B 267 23.48 -12.98 9.57
N ALA B 268 24.47 -12.18 9.91
CA ALA B 268 25.84 -12.55 9.62
C ALA B 268 26.21 -13.76 10.45
N ARG B 269 25.81 -13.75 11.72
CA ARG B 269 26.09 -14.87 12.62
C ARG B 269 25.43 -16.14 12.14
N GLN B 270 24.37 -15.98 11.37
CA GLN B 270 23.42 -17.01 10.99
C GLN B 270 22.27 -17.12 11.97
N SER C 5 -31.86 8.59 4.97
CA SER C 5 -31.12 7.31 5.09
C SER C 5 -32.06 6.12 5.04
N VAL C 6 -31.60 5.04 4.44
CA VAL C 6 -32.37 3.84 4.22
C VAL C 6 -32.39 3.12 5.56
N VAL C 7 -33.48 2.44 5.84
CA VAL C 7 -33.59 1.67 7.07
C VAL C 7 -32.99 0.29 6.94
N ILE C 8 -32.00 0.02 7.78
CA ILE C 8 -31.50 -1.29 7.81
C ILE C 8 -32.48 -2.08 8.64
N SER C 9 -33.31 -2.86 7.94
CA SER C 9 -34.25 -3.74 8.60
C SER C 9 -33.56 -4.95 9.22
N ASP C 10 -34.32 -5.68 9.99
CA ASP C 10 -33.80 -6.89 10.56
C ASP C 10 -33.37 -7.90 9.56
N ALA C 11 -34.19 -8.04 8.50
CA ALA C 11 -33.85 -8.92 7.41
C ALA C 11 -32.54 -8.49 6.70
N TRP C 12 -32.38 -7.19 6.54
CA TRP C 12 -31.14 -6.62 5.98
C TRP C 12 -29.94 -6.96 6.85
N ARG C 13 -30.08 -6.89 8.17
CA ARG C 13 -28.99 -7.29 9.06
C ARG C 13 -28.68 -8.73 8.97
N GLN C 14 -29.69 -9.55 8.83
CA GLN C 14 -29.48 -10.97 8.63
C GLN C 14 -28.70 -11.27 7.34
N ARG C 15 -29.06 -10.59 6.25
CA ARG C 15 -28.38 -10.82 4.96
C ARG C 15 -26.95 -10.27 5.01
N PHE C 16 -26.76 -9.11 5.62
CA PHE C 16 -25.50 -8.40 5.51
C PHE C 16 -24.73 -8.20 6.84
N GLY C 17 -24.99 -9.07 7.81
CA GLY C 17 -24.26 -9.01 9.08
C GLY C 17 -22.78 -9.24 8.85
N GLY C 18 -22.46 -10.11 7.89
CA GLY C 18 -21.07 -10.31 7.55
C GLY C 18 -20.39 -9.12 6.87
N THR C 19 -21.17 -8.28 6.17
CA THR C 19 -20.63 -7.02 5.62
C THR C 19 -20.26 -6.08 6.79
N ALA C 20 -21.15 -5.98 7.79
CA ALA C 20 -20.94 -5.06 8.96
C ALA C 20 -19.75 -5.52 9.74
N ARG C 21 -19.56 -6.83 9.83
CA ARG C 21 -18.47 -7.39 10.60
C ARG C 21 -17.12 -7.28 9.89
N LEU C 22 -17.14 -6.97 8.57
CA LEU C 22 -15.91 -6.68 7.82
C LEU C 22 -15.57 -5.20 7.69
N TYR C 23 -16.56 -4.36 7.38
CA TYR C 23 -16.26 -2.97 7.06
C TYR C 23 -16.62 -1.99 8.18
N GLY C 24 -17.45 -2.45 9.10
CA GLY C 24 -17.99 -1.68 10.20
C GLY C 24 -19.46 -1.32 10.05
N GLU C 25 -20.11 -1.05 11.19
CA GLU C 25 -21.52 -0.57 11.21
C GLU C 25 -21.74 0.70 10.47
N LYS C 26 -20.84 1.66 10.58
CA LYS C 26 -21.02 2.90 9.86
C LYS C 26 -20.97 2.69 8.35
N ALA C 27 -20.06 1.82 7.92
CA ALA C 27 -19.95 1.45 6.53
C ALA C 27 -21.23 0.76 6.04
N LEU C 28 -21.81 -0.12 6.84
CA LEU C 28 -23.04 -0.80 6.46
C LEU C 28 -24.14 0.23 6.17
N GLN C 29 -24.23 1.23 7.03
CA GLN C 29 -25.22 2.30 6.81
C GLN C 29 -24.87 3.14 5.57
N LEU C 30 -23.59 3.48 5.40
CA LEU C 30 -23.11 4.18 4.22
C LEU C 30 -23.54 3.46 2.90
N PHE C 31 -23.35 2.14 2.88
CA PHE C 31 -23.66 1.31 1.69
C PHE C 31 -25.17 1.33 1.48
N ALA C 32 -25.91 1.18 2.56
CA ALA C 32 -27.36 1.17 2.44
C ALA C 32 -27.89 2.49 1.80
N ASP C 33 -27.21 3.59 2.09
CA ASP C 33 -27.64 4.92 1.66
C ASP C 33 -27.11 5.27 0.27
N ALA C 34 -26.23 4.43 -0.28
CA ALA C 34 -25.52 4.70 -1.50
C ALA C 34 -26.36 4.35 -2.72
N HIS C 35 -26.13 5.07 -3.81
CA HIS C 35 -26.73 4.78 -5.11
C HIS C 35 -25.63 4.65 -6.16
N ILE C 36 -25.38 3.42 -6.59
CA ILE C 36 -24.31 3.19 -7.53
C ILE C 36 -24.87 2.80 -8.90
N CYS C 37 -24.30 3.40 -9.95
CA CYS C 37 -24.69 3.10 -11.35
C CYS C 37 -23.67 2.18 -12.02
N VAL C 38 -24.12 1.09 -12.61
CA VAL C 38 -23.26 0.29 -13.45
C VAL C 38 -23.66 0.47 -14.88
N VAL C 39 -22.70 0.89 -15.70
CA VAL C 39 -22.96 1.02 -17.15
C VAL C 39 -22.32 -0.07 -17.96
N GLY C 40 -23.12 -0.86 -18.68
CA GLY C 40 -22.63 -2.03 -19.34
C GLY C 40 -22.67 -3.24 -18.41
N ILE C 41 -23.66 -4.09 -18.62
CA ILE C 41 -23.92 -5.28 -17.78
C ILE C 41 -23.44 -6.56 -18.54
N GLY C 42 -22.13 -6.57 -18.81
CA GLY C 42 -21.47 -7.62 -19.57
C GLY C 42 -20.51 -8.44 -18.73
N GLY C 43 -19.40 -8.84 -19.36
CA GLY C 43 -18.36 -9.59 -18.73
C GLY C 43 -17.75 -9.04 -17.46
N VAL C 44 -17.62 -7.72 -17.40
CA VAL C 44 -17.13 -7.08 -16.16
C VAL C 44 -18.32 -6.54 -15.34
N GLY C 45 -19.22 -5.82 -15.98
CA GLY C 45 -20.27 -5.20 -15.26
C GLY C 45 -21.30 -6.06 -14.54
N SER C 46 -21.66 -7.20 -15.10
CA SER C 46 -22.58 -8.11 -14.44
C SER C 46 -22.06 -8.51 -13.04
N TRP C 47 -20.79 -8.88 -12.97
CA TRP C 47 -20.18 -9.28 -11.70
C TRP C 47 -20.05 -8.14 -10.78
N ALA C 48 -19.76 -6.96 -11.32
CA ALA C 48 -19.74 -5.74 -10.49
C ALA C 48 -21.09 -5.52 -9.83
N ALA C 49 -22.15 -5.68 -10.61
CA ALA C 49 -23.48 -5.49 -10.06
C ALA C 49 -23.85 -6.56 -9.00
N GLU C 50 -23.46 -7.83 -9.24
CA GLU C 50 -23.59 -8.88 -8.24
C GLU C 50 -22.89 -8.47 -6.93
N ALA C 51 -21.66 -7.96 -7.03
CA ALA C 51 -20.85 -7.63 -5.82
C ALA C 51 -21.50 -6.47 -5.03
N LEU C 52 -21.90 -5.41 -5.74
CA LEU C 52 -22.70 -4.33 -5.13
C LEU C 52 -23.87 -4.85 -4.35
N ALA C 53 -24.70 -5.67 -5.01
CA ALA C 53 -25.84 -6.22 -4.33
C ALA C 53 -25.52 -6.99 -3.08
N ARG C 54 -24.53 -7.87 -3.18
CA ARG C 54 -24.10 -8.72 -2.08
C ARG C 54 -23.31 -7.97 -1.00
N THR C 55 -23.00 -6.71 -1.19
CA THR C 55 -22.32 -5.93 -0.18
C THR C 55 -23.29 -4.85 0.42
N GLY C 56 -24.59 -5.03 0.22
CA GLY C 56 -25.55 -4.16 0.88
C GLY C 56 -25.70 -2.78 0.31
N ILE C 57 -25.40 -2.58 -0.98
CA ILE C 57 -25.56 -1.28 -1.57
C ILE C 57 -27.07 -1.14 -1.73
N GLY C 58 -27.63 -0.01 -1.24
CA GLY C 58 -29.06 0.16 -1.13
C GLY C 58 -29.80 0.50 -2.40
N ALA C 59 -29.12 1.08 -3.37
CA ALA C 59 -29.76 1.41 -4.66
C ALA C 59 -28.75 1.19 -5.76
N ILE C 60 -29.19 0.53 -6.84
CA ILE C 60 -28.33 0.23 -7.97
C ILE C 60 -29.10 0.53 -9.22
N THR C 61 -28.44 1.27 -10.12
CA THR C 61 -28.92 1.53 -11.47
C THR C 61 -28.05 0.74 -12.44
N LEU C 62 -28.69 0.06 -13.37
CA LEU C 62 -28.04 -0.73 -14.39
C LEU C 62 -28.40 -0.14 -15.74
N ILE C 63 -27.40 0.16 -16.58
CA ILE C 63 -27.62 0.69 -17.89
C ILE C 63 -27.06 -0.22 -19.01
N ASP C 64 -27.95 -0.74 -19.85
CA ASP C 64 -27.55 -1.58 -21.00
C ASP C 64 -28.83 -1.77 -21.84
N MSE C 65 -28.67 -2.03 -23.13
CA MSE C 65 -29.84 -2.47 -23.89
C MSE C 65 -29.63 -3.74 -24.61
O MSE C 65 -30.51 -4.17 -25.36
CB MSE C 65 -30.40 -1.31 -24.81
CG MSE C 65 -29.74 -1.03 -26.10
SE MSE C 65 -30.88 0.32 -27.10
CE MSE C 65 -31.68 -0.98 -28.37
N ASP C 66 -28.55 -4.42 -24.39
CA ASP C 66 -28.30 -5.64 -25.12
C ASP C 66 -29.04 -6.85 -24.47
N ASP C 67 -29.24 -7.91 -25.21
CA ASP C 67 -29.89 -9.10 -24.67
C ASP C 67 -28.83 -10.15 -24.30
N VAL C 68 -29.21 -11.09 -23.43
CA VAL C 68 -28.34 -12.20 -23.10
C VAL C 68 -28.22 -13.08 -24.33
N CYS C 69 -26.99 -13.48 -24.63
CA CYS C 69 -26.66 -14.31 -25.78
C CYS C 69 -25.92 -15.52 -25.23
N VAL C 70 -26.18 -16.66 -25.83
CA VAL C 70 -25.53 -17.89 -25.38
C VAL C 70 -24.01 -17.76 -25.41
N THR C 71 -23.48 -16.94 -26.32
CA THR C 71 -22.01 -16.74 -26.40
C THR C 71 -21.40 -15.99 -25.21
N ASN C 72 -22.26 -15.40 -24.38
CA ASN C 72 -21.86 -14.70 -23.17
C ASN C 72 -21.52 -15.71 -22.03
N THR C 73 -21.85 -16.98 -22.24
CA THR C 73 -21.83 -17.98 -21.18
C THR C 73 -20.44 -18.13 -20.50
N ASN C 74 -19.39 -17.91 -21.23
CA ASN C 74 -18.05 -18.06 -20.64
C ASN C 74 -17.72 -16.99 -19.62
N ARG C 75 -18.46 -15.90 -19.58
CA ARG C 75 -18.00 -14.79 -18.76
C ARG C 75 -19.04 -13.87 -18.13
N GLN C 76 -20.34 -14.16 -18.25
CA GLN C 76 -21.38 -13.26 -17.67
C GLN C 76 -22.28 -14.00 -16.72
N ILE C 77 -22.54 -13.42 -15.54
CA ILE C 77 -23.23 -14.20 -14.50
C ILE C 77 -24.72 -14.46 -14.84
N HIS C 78 -25.28 -13.59 -15.70
CA HIS C 78 -26.71 -13.71 -16.13
C HIS C 78 -26.89 -14.57 -17.36
N ALA C 79 -25.81 -15.12 -17.90
CA ALA C 79 -25.87 -16.01 -19.03
C ALA C 79 -26.15 -17.49 -18.61
N LEU C 80 -27.39 -17.86 -18.77
CA LEU C 80 -27.96 -19.14 -18.38
C LEU C 80 -29.04 -19.44 -19.40
N ARG C 81 -29.31 -20.73 -19.58
CA ARG C 81 -30.32 -21.21 -20.53
C ARG C 81 -31.60 -20.43 -20.49
N ASP C 82 -32.20 -20.30 -19.32
CA ASP C 82 -33.52 -19.70 -19.20
C ASP C 82 -33.51 -18.18 -19.47
N ASN C 83 -32.35 -17.54 -19.52
CA ASN C 83 -32.30 -16.10 -19.71
C ASN C 83 -32.00 -15.67 -21.14
N VAL C 84 -31.64 -16.63 -21.96
CA VAL C 84 -31.17 -16.28 -23.30
C VAL C 84 -32.24 -15.47 -24.04
N GLY C 85 -31.86 -14.33 -24.63
CA GLY C 85 -32.77 -13.48 -25.39
C GLY C 85 -33.43 -12.40 -24.54
N LEU C 86 -33.36 -12.49 -23.20
CA LEU C 86 -33.92 -11.45 -22.35
C LEU C 86 -32.92 -10.29 -22.19
N ALA C 87 -33.41 -9.10 -21.85
CA ALA C 87 -32.56 -7.93 -21.69
C ALA C 87 -31.60 -8.17 -20.50
N LYS C 88 -30.29 -8.04 -20.71
CA LYS C 88 -29.27 -8.25 -19.67
C LYS C 88 -29.63 -7.47 -18.43
N ALA C 89 -29.89 -6.18 -18.61
CA ALA C 89 -30.14 -5.29 -17.46
C ALA C 89 -31.33 -5.71 -16.59
N GLU C 90 -32.43 -6.09 -17.22
CA GLU C 90 -33.57 -6.58 -16.53
C GLU C 90 -33.36 -7.94 -15.84
N VAL C 91 -32.63 -8.85 -16.48
CA VAL C 91 -32.36 -10.14 -15.87
C VAL C 91 -31.46 -9.91 -14.64
N MSE C 92 -30.50 -9.00 -14.75
CA MSE C 92 -29.67 -8.76 -13.58
C MSE C 92 -30.47 -8.04 -12.51
O MSE C 92 -30.29 -8.29 -11.36
CB MSE C 92 -28.50 -7.95 -14.08
CG MSE C 92 -27.41 -7.81 -13.09
SE MSE C 92 -26.40 -9.54 -12.93
CE MSE C 92 -26.16 -9.38 -10.98
N ALA C 93 -31.36 -7.14 -12.86
CA ALA C 93 -32.17 -6.51 -11.86
C ALA C 93 -33.02 -7.48 -11.07
N GLU C 94 -33.65 -8.43 -11.76
CA GLU C 94 -34.44 -9.45 -11.11
C GLU C 94 -33.58 -10.32 -10.12
N ARG C 95 -32.36 -10.62 -10.52
CA ARG C 95 -31.46 -11.33 -9.67
C ARG C 95 -31.11 -10.48 -8.44
N ILE C 96 -30.83 -9.21 -8.65
CA ILE C 96 -30.50 -8.31 -7.48
C ILE C 96 -31.67 -8.24 -6.49
N ARG C 97 -32.91 -8.21 -7.01
CA ARG C 97 -34.07 -8.20 -6.10
C ARG C 97 -34.24 -9.53 -5.34
N GLN C 98 -33.65 -10.62 -5.83
CA GLN C 98 -33.63 -11.89 -5.14
C GLN C 98 -32.48 -11.96 -4.13
N ILE C 99 -31.42 -11.25 -4.42
CA ILE C 99 -30.37 -11.04 -3.42
C ILE C 99 -30.79 -10.21 -2.25
N ASN C 100 -31.32 -9.04 -2.55
CA ASN C 100 -31.79 -8.08 -1.54
C ASN C 100 -33.10 -7.47 -1.99
N PRO C 101 -34.21 -8.03 -1.54
CA PRO C 101 -35.54 -7.50 -1.91
C PRO C 101 -35.77 -6.06 -1.52
N GLU C 102 -34.95 -5.49 -0.65
CA GLU C 102 -35.08 -4.10 -0.22
C GLU C 102 -34.15 -3.14 -0.94
N CYS C 103 -33.32 -3.63 -1.86
CA CYS C 103 -32.52 -2.80 -2.78
C CYS C 103 -33.37 -2.16 -3.83
N ARG C 104 -33.22 -0.83 -3.97
CA ARG C 104 -33.96 -0.10 -5.02
C ARG C 104 -33.18 -0.21 -6.32
N VAL C 105 -33.69 -0.99 -7.27
CA VAL C 105 -33.00 -1.25 -8.51
C VAL C 105 -33.69 -0.57 -9.67
N THR C 106 -32.93 0.23 -10.42
CA THR C 106 -33.45 0.94 -11.57
C THR C 106 -32.78 0.43 -12.84
N VAL C 107 -33.56 0.14 -13.87
CA VAL C 107 -33.02 -0.28 -15.15
C VAL C 107 -33.17 0.84 -16.15
N VAL C 108 -32.10 1.26 -16.79
CA VAL C 108 -32.18 2.12 -17.98
C VAL C 108 -31.91 1.23 -19.20
N ASP C 109 -32.98 0.98 -19.96
CA ASP C 109 -32.90 0.13 -21.14
C ASP C 109 -32.49 0.97 -22.31
N ASP C 110 -31.21 1.29 -22.35
CA ASP C 110 -30.65 2.20 -23.34
C ASP C 110 -29.09 2.11 -23.37
N PHE C 111 -28.48 2.59 -24.44
CA PHE C 111 -27.03 2.72 -24.49
C PHE C 111 -26.72 4.14 -24.17
N VAL C 112 -25.65 4.38 -23.40
CA VAL C 112 -25.12 5.71 -23.16
C VAL C 112 -24.51 6.30 -24.46
N THR C 113 -24.78 7.57 -24.71
CA THR C 113 -24.29 8.26 -25.92
C THR C 113 -23.80 9.64 -25.49
N PRO C 114 -22.93 10.28 -26.32
CA PRO C 114 -22.58 11.71 -26.12
C PRO C 114 -23.77 12.63 -25.82
N ASP C 115 -24.91 12.34 -26.45
CA ASP C 115 -26.07 13.15 -26.30
C ASP C 115 -27.01 12.86 -25.12
N ASN C 116 -27.07 11.63 -24.60
CA ASN C 116 -27.89 11.38 -23.38
C ASN C 116 -27.12 11.33 -22.05
N VAL C 117 -25.79 11.31 -22.12
CA VAL C 117 -24.99 11.15 -20.90
C VAL C 117 -25.34 12.12 -19.77
N ALA C 118 -25.66 13.39 -20.06
CA ALA C 118 -25.94 14.34 -18.99
C ALA C 118 -27.21 13.97 -18.26
N GLN C 119 -28.22 13.66 -19.05
CA GLN C 119 -29.49 13.24 -18.57
C GLN C 119 -29.40 11.97 -17.70
N TYR C 120 -28.61 10.99 -18.12
CA TYR C 120 -28.56 9.74 -17.35
C TYR C 120 -27.72 9.88 -16.09
N MSE C 121 -26.81 10.85 -16.08
CA MSE C 121 -25.92 11.11 -14.94
C MSE C 121 -26.40 12.22 -14.05
O MSE C 121 -25.77 12.53 -13.06
CB MSE C 121 -24.50 11.46 -15.37
CG MSE C 121 -23.82 10.38 -16.22
SE MSE C 121 -23.22 8.74 -15.17
CE MSE C 121 -24.49 7.47 -16.04
N SER C 122 -27.54 12.80 -14.37
CA SER C 122 -28.11 13.86 -13.55
C SER C 122 -28.76 13.34 -12.26
N VAL C 123 -28.79 12.02 -12.04
CA VAL C 123 -29.41 11.46 -10.82
C VAL C 123 -28.61 11.76 -9.51
N GLY C 124 -27.31 12.00 -9.61
CA GLY C 124 -26.46 12.20 -8.43
C GLY C 124 -26.08 10.88 -7.75
N TYR C 125 -25.37 10.02 -8.47
CA TYR C 125 -24.97 8.72 -7.93
C TYR C 125 -23.82 8.91 -6.96
N SER C 126 -23.72 8.01 -5.98
CA SER C 126 -22.54 7.91 -5.16
C SER C 126 -21.29 7.49 -5.92
N TYR C 127 -21.51 6.72 -6.97
CA TYR C 127 -20.40 6.26 -7.78
C TYR C 127 -20.91 5.67 -9.08
N VAL C 128 -20.09 5.75 -10.08
CA VAL C 128 -20.41 5.17 -11.38
C VAL C 128 -19.29 4.14 -11.71
N ILE C 129 -19.68 2.91 -12.03
CA ILE C 129 -18.79 1.88 -12.52
C ILE C 129 -19.00 1.77 -14.01
N ASP C 130 -17.98 2.15 -14.76
CA ASP C 130 -18.06 2.07 -16.22
C ASP C 130 -17.44 0.76 -16.74
N ALA C 131 -18.31 -0.03 -17.36
CA ALA C 131 -17.96 -1.36 -17.81
C ALA C 131 -18.43 -1.55 -19.26
N ILE C 132 -18.47 -0.45 -20.01
CA ILE C 132 -18.79 -0.43 -21.46
C ILE C 132 -17.57 -0.89 -22.24
N ASP C 133 -17.77 -1.60 -23.36
CA ASP C 133 -16.66 -1.97 -24.30
C ASP C 133 -16.41 -0.92 -25.45
N SER C 134 -17.49 -0.34 -26.01
CA SER C 134 -17.45 0.63 -27.13
C SER C 134 -16.71 1.89 -26.78
N VAL C 135 -15.60 2.14 -27.46
CA VAL C 135 -14.74 3.26 -27.06
C VAL C 135 -15.44 4.62 -27.14
N ARG C 136 -16.23 4.90 -28.17
CA ARG C 136 -16.81 6.25 -28.30
C ARG C 136 -17.69 6.62 -27.11
N PRO C 137 -18.75 5.85 -26.85
CA PRO C 137 -19.56 6.18 -25.68
C PRO C 137 -18.78 6.13 -24.33
N LYS C 138 -17.73 5.30 -24.23
CA LYS C 138 -16.93 5.21 -23.01
C LYS C 138 -16.21 6.53 -22.82
N ALA C 139 -15.66 7.03 -23.93
CA ALA C 139 -15.02 8.35 -23.88
C ALA C 139 -15.95 9.39 -23.36
N ALA C 140 -17.17 9.45 -23.89
CA ALA C 140 -18.16 10.42 -23.49
C ALA C 140 -18.59 10.31 -22.02
N LEU C 141 -18.75 9.09 -21.53
CA LEU C 141 -19.12 8.88 -20.12
C LEU C 141 -17.99 9.35 -19.21
N ILE C 142 -16.77 8.94 -19.52
CA ILE C 142 -15.64 9.31 -18.69
C ILE C 142 -15.45 10.84 -18.72
N ALA C 143 -15.46 11.43 -19.91
CA ALA C 143 -15.33 12.88 -20.00
C ALA C 143 -16.37 13.61 -19.16
N TYR C 144 -17.63 13.19 -19.26
CA TYR C 144 -18.65 13.89 -18.53
C TYR C 144 -18.49 13.74 -17.02
N CYS C 145 -18.21 12.52 -16.56
CA CYS C 145 -18.06 12.30 -15.11
C CYS C 145 -16.84 13.05 -14.60
N ARG C 146 -15.78 13.06 -15.37
CA ARG C 146 -14.56 13.72 -14.90
C ARG C 146 -14.83 15.23 -14.75
N ARG C 147 -15.28 15.85 -15.84
CA ARG C 147 -15.70 17.28 -15.86
C ARG C 147 -16.58 17.66 -14.69
N ASN C 148 -17.58 16.85 -14.41
CA ASN C 148 -18.57 17.15 -13.38
C ASN C 148 -18.30 16.56 -12.00
N LYS C 149 -17.11 16.00 -11.81
CA LYS C 149 -16.72 15.46 -10.52
C LYS C 149 -17.66 14.38 -10.02
N ILE C 150 -18.19 13.55 -10.91
CA ILE C 150 -18.99 12.37 -10.50
C ILE C 150 -17.99 11.23 -10.21
N PRO C 151 -17.98 10.67 -8.99
CA PRO C 151 -17.03 9.61 -8.73
C PRO C 151 -17.20 8.45 -9.71
N LEU C 152 -16.10 8.05 -10.34
CA LEU C 152 -16.04 7.09 -11.37
C LEU C 152 -14.86 6.12 -11.25
N VAL C 153 -15.14 4.86 -11.53
CA VAL C 153 -14.09 3.89 -11.83
C VAL C 153 -14.39 3.25 -13.18
N THR C 154 -13.38 3.23 -14.06
CA THR C 154 -13.53 2.63 -15.35
C THR C 154 -12.71 1.39 -15.40
N THR C 155 -13.04 0.54 -16.35
CA THR C 155 -12.34 -0.72 -16.48
C THR C 155 -11.67 -0.80 -17.85
N GLY C 156 -10.46 -1.36 -17.92
CA GLY C 156 -9.81 -1.63 -19.22
C GLY C 156 -10.41 -2.87 -19.89
N GLY C 157 -9.73 -3.38 -20.90
CA GLY C 157 -10.11 -4.69 -21.51
C GLY C 157 -9.68 -5.86 -20.65
N ALA C 158 -10.63 -6.79 -20.39
CA ALA C 158 -10.36 -8.03 -19.63
C ALA C 158 -10.21 -9.25 -20.55
N GLY C 159 -10.41 -9.03 -21.83
CA GLY C 159 -10.17 -10.05 -22.82
C GLY C 159 -8.70 -10.40 -23.03
N GLY C 160 -8.50 -11.66 -23.48
CA GLY C 160 -7.22 -12.20 -23.85
C GLY C 160 -6.28 -12.34 -22.68
N GLN C 161 -6.81 -12.36 -21.43
CA GLN C 161 -6.00 -12.46 -20.23
C GLN C 161 -6.45 -13.61 -19.33
N ILE C 162 -5.51 -14.34 -18.76
CA ILE C 162 -5.88 -15.53 -17.97
C ILE C 162 -5.62 -15.46 -16.51
N ASP C 163 -4.94 -14.44 -16.04
CA ASP C 163 -4.41 -14.47 -14.65
C ASP C 163 -5.05 -13.43 -13.73
N PRO C 164 -5.92 -13.87 -12.83
CA PRO C 164 -6.63 -12.84 -12.03
C PRO C 164 -5.76 -12.14 -10.98
N THR C 165 -4.54 -12.62 -10.73
CA THR C 165 -3.68 -11.98 -9.73
C THR C 165 -2.96 -10.75 -10.27
N GLN C 166 -3.05 -10.44 -11.56
CA GLN C 166 -2.32 -9.28 -12.05
C GLN C 166 -3.21 -8.05 -12.21
N ILE C 167 -4.41 -8.13 -11.66
CA ILE C 167 -5.40 -7.04 -11.79
C ILE C 167 -5.13 -6.02 -10.71
N GLN C 168 -5.16 -4.74 -11.09
CA GLN C 168 -4.92 -3.62 -10.20
C GLN C 168 -5.57 -2.30 -10.71
N VAL C 169 -5.44 -1.24 -9.92
CA VAL C 169 -6.06 -0.02 -10.25
C VAL C 169 -4.97 1.02 -10.41
N THR C 170 -5.10 1.86 -11.43
CA THR C 170 -4.21 3.05 -11.52
C THR C 170 -4.86 4.18 -12.30
N ASP C 171 -4.17 5.31 -12.46
CA ASP C 171 -4.70 6.39 -13.28
C ASP C 171 -4.68 5.97 -14.72
N LEU C 172 -5.75 6.25 -15.42
CA LEU C 172 -5.90 5.86 -16.81
C LEU C 172 -4.72 6.27 -17.71
N ALA C 173 -4.01 7.34 -17.36
CA ALA C 173 -2.83 7.73 -18.13
C ALA C 173 -1.71 6.65 -18.04
N LYS C 174 -1.68 5.88 -16.96
CA LYS C 174 -0.58 5.01 -16.65
C LYS C 174 -0.81 3.56 -16.95
N THR C 175 -1.93 3.21 -17.58
CA THR C 175 -2.15 1.78 -17.78
C THR C 175 -1.14 1.25 -18.80
N ILE C 176 -0.67 0.03 -18.59
CA ILE C 176 0.13 -0.66 -19.60
C ILE C 176 -0.58 -1.96 -20.01
N GLN C 177 -0.17 -2.50 -21.15
CA GLN C 177 -0.62 -3.82 -21.60
C GLN C 177 -2.15 -3.90 -21.67
N ASP C 178 -2.71 -2.86 -22.25
CA ASP C 178 -4.15 -2.70 -22.35
C ASP C 178 -4.49 -1.89 -23.60
N PRO C 179 -4.81 -2.59 -24.71
CA PRO C 179 -5.09 -1.87 -25.94
C PRO C 179 -6.37 -1.05 -25.87
N LEU C 180 -7.34 -1.46 -25.05
CA LEU C 180 -8.57 -0.67 -24.95
C LEU C 180 -8.31 0.64 -24.22
N ALA C 181 -7.56 0.59 -23.12
CA ALA C 181 -7.27 1.80 -22.35
C ALA C 181 -6.49 2.79 -23.23
N ALA C 182 -5.56 2.30 -24.03
CA ALA C 182 -4.81 3.23 -24.90
C ALA C 182 -5.69 3.86 -25.99
N LYS C 183 -6.64 3.11 -26.55
CA LYS C 183 -7.56 3.64 -27.56
C LYS C 183 -8.48 4.70 -26.98
N LEU C 184 -8.85 4.50 -25.73
CA LEU C 184 -9.72 5.40 -25.02
C LEU C 184 -9.03 6.73 -24.71
N ARG C 185 -7.73 6.71 -24.36
CA ARG C 185 -6.94 7.94 -24.19
C ARG C 185 -6.91 8.75 -25.50
N GLU C 186 -6.70 8.06 -26.62
CA GLU C 186 -6.70 8.68 -27.93
C GLU C 186 -8.00 9.36 -28.21
N ARG C 187 -9.09 8.65 -27.89
CA ARG C 187 -10.46 9.12 -28.12
C ARG C 187 -10.86 10.27 -27.17
N LEU C 188 -10.40 10.23 -25.92
CA LEU C 188 -10.66 11.34 -25.00
C LEU C 188 -9.96 12.63 -25.51
N LYS C 189 -8.73 12.47 -26.00
CA LYS C 189 -7.95 13.58 -26.51
C LYS C 189 -8.68 14.08 -27.77
N SER C 190 -8.76 13.21 -28.78
CA SER C 190 -9.30 13.61 -30.08
C SER C 190 -10.74 14.12 -30.05
N ASP C 191 -11.56 13.68 -29.11
CA ASP C 191 -12.96 14.11 -29.17
C ASP C 191 -13.41 14.97 -28.02
N PHE C 192 -12.59 15.11 -26.99
CA PHE C 192 -12.97 15.94 -25.86
C PHE C 192 -11.86 16.89 -25.40
N GLY C 193 -10.70 16.82 -26.05
CA GLY C 193 -9.51 17.51 -25.56
C GLY C 193 -9.17 17.17 -24.11
N VAL C 194 -9.28 15.91 -23.73
CA VAL C 194 -8.87 15.50 -22.41
C VAL C 194 -7.53 14.80 -22.57
N VAL C 195 -6.58 15.31 -21.78
CA VAL C 195 -5.18 15.00 -21.87
C VAL C 195 -4.58 15.04 -20.48
N LYS C 196 -3.42 14.43 -20.34
CA LYS C 196 -2.74 14.38 -19.06
C LYS C 196 -2.59 15.76 -18.47
N ASN C 197 -2.71 15.83 -17.12
CA ASN C 197 -2.49 17.02 -16.35
C ASN C 197 -1.00 17.27 -16.30
N SER C 198 -0.56 18.21 -15.53
CA SER C 198 0.87 18.54 -15.48
C SER C 198 1.57 17.66 -14.47
N LYS C 199 0.78 16.93 -13.70
CA LYS C 199 1.26 15.84 -12.88
C LYS C 199 1.17 14.48 -13.59
N GLY C 200 0.90 14.47 -14.89
CA GLY C 200 0.97 13.23 -15.62
C GLY C 200 -0.30 12.34 -15.56
N LYS C 201 -1.36 12.86 -14.94
CA LYS C 201 -2.64 12.16 -14.74
C LYS C 201 -3.79 12.64 -15.57
N LEU C 202 -4.63 11.69 -15.99
CA LEU C 202 -5.91 12.01 -16.55
C LEU C 202 -7.00 12.30 -15.52
N GLY C 203 -6.77 11.96 -14.24
CA GLY C 203 -7.80 12.13 -13.20
C GLY C 203 -8.95 11.08 -13.29
N VAL C 204 -8.63 9.88 -13.71
CA VAL C 204 -9.65 8.84 -13.89
C VAL C 204 -9.03 7.53 -13.44
N ASP C 205 -9.68 6.88 -12.49
CA ASP C 205 -9.18 5.62 -11.93
C ASP C 205 -9.58 4.46 -12.88
N CYS C 206 -8.63 3.64 -13.25
CA CYS C 206 -8.87 2.55 -14.22
C CYS C 206 -8.41 1.20 -13.65
N VAL C 207 -9.29 0.20 -13.68
CA VAL C 207 -8.91 -1.15 -13.34
C VAL C 207 -8.26 -1.78 -14.59
N PHE C 208 -7.08 -2.37 -14.46
CA PHE C 208 -6.49 -2.98 -15.64
C PHE C 208 -5.59 -4.13 -15.17
N SER C 209 -4.97 -4.83 -16.09
CA SER C 209 -4.00 -5.84 -15.71
C SER C 209 -2.68 -5.68 -16.43
N THR C 210 -1.59 -5.93 -15.71
CA THR C 210 -0.23 -5.96 -16.28
C THR C 210 -0.01 -7.08 -17.31
N GLU C 211 -0.84 -8.12 -17.28
CA GLU C 211 -0.64 -9.29 -18.18
C GLU C 211 -0.71 -8.94 -19.63
N ALA C 212 0.14 -9.56 -20.42
CA ALA C 212 0.15 -9.38 -21.86
C ALA C 212 -1.00 -10.15 -22.50
N LEU C 213 -1.64 -9.57 -23.50
CA LEU C 213 -2.76 -10.21 -24.18
C LEU C 213 -2.38 -11.37 -25.12
N VAL C 214 -3.32 -12.29 -25.29
CA VAL C 214 -3.11 -13.49 -26.06
C VAL C 214 -4.22 -13.50 -27.10
N TYR C 215 -3.89 -13.95 -28.30
CA TYR C 215 -4.76 -13.83 -29.47
C TYR C 215 -4.92 -15.17 -30.15
N PRO C 216 -6.16 -15.52 -30.59
CA PRO C 216 -6.40 -16.83 -31.18
C PRO C 216 -5.80 -16.93 -32.58
N GLN C 217 -5.30 -18.11 -32.95
CA GLN C 217 -4.67 -18.28 -34.29
C GLN C 217 -5.48 -19.19 -35.20
N SER C 218 -5.10 -19.24 -36.48
CA SER C 218 -5.76 -20.07 -37.53
C SER C 218 -5.74 -21.58 -37.24
N ASP C 219 -4.66 -22.06 -36.64
CA ASP C 219 -4.54 -23.46 -36.31
C ASP C 219 -5.20 -23.80 -34.98
N GLY C 220 -5.86 -22.83 -34.36
CA GLY C 220 -6.56 -23.09 -33.09
C GLY C 220 -5.77 -22.82 -31.82
N THR C 221 -4.48 -22.52 -31.94
CA THR C 221 -3.66 -22.11 -30.78
C THR C 221 -3.93 -20.63 -30.47
N VAL C 222 -3.34 -20.13 -29.39
CA VAL C 222 -3.37 -18.72 -29.04
C VAL C 222 -1.95 -18.29 -28.68
N CYS C 223 -1.62 -17.02 -28.89
CA CYS C 223 -0.35 -16.50 -28.45
C CYS C 223 -0.24 -14.97 -28.56
N ALA C 224 0.92 -14.45 -28.22
CA ALA C 224 1.14 -13.01 -28.13
C ALA C 224 1.03 -12.17 -29.41
N MSE C 225 0.52 -12.75 -30.49
CA MSE C 225 0.24 -12.02 -31.71
C MSE C 225 -0.81 -12.75 -32.50
O MSE C 225 -1.36 -12.22 -33.50
CB MSE C 225 1.50 -11.95 -32.55
CG MSE C 225 2.70 -11.53 -31.71
SE MSE C 225 3.73 -10.20 -32.73
CE MSE C 225 2.49 -8.69 -32.52
N GLY C 240 -12.28 -10.23 -31.28
CA GLY C 240 -11.79 -11.59 -31.49
C GLY C 240 -11.16 -12.28 -30.29
N PHE C 241 -10.74 -11.50 -29.27
CA PHE C 241 -10.13 -12.03 -28.04
C PHE C 241 -11.07 -12.96 -27.30
N GLY C 242 -10.55 -13.97 -26.61
CA GLY C 242 -11.37 -14.80 -25.71
C GLY C 242 -11.44 -14.15 -24.31
N ALA C 243 -12.06 -14.84 -23.35
CA ALA C 243 -12.18 -14.29 -22.02
C ALA C 243 -12.54 -15.44 -21.13
N ALA C 244 -12.29 -15.25 -19.83
CA ALA C 244 -12.70 -16.16 -18.78
C ALA C 244 -13.36 -15.38 -17.62
N THR C 245 -14.31 -16.00 -17.00
CA THR C 245 -15.00 -15.50 -15.81
C THR C 245 -14.01 -15.11 -14.71
N MSE C 246 -13.01 -15.97 -14.47
CA MSE C 246 -12.03 -15.81 -13.38
C MSE C 246 -11.38 -14.44 -13.47
O MSE C 246 -11.14 -13.79 -12.45
CB MSE C 246 -11.00 -16.95 -13.44
CG MSE C 246 -11.46 -18.38 -13.09
SE MSE C 246 -12.22 -19.33 -14.70
CE MSE C 246 -10.60 -19.85 -15.63
N VAL C 247 -11.09 -13.97 -14.68
CA VAL C 247 -10.51 -12.64 -14.94
C VAL C 247 -11.54 -11.50 -15.07
N THR C 248 -12.55 -11.68 -15.92
CA THR C 248 -13.49 -10.63 -16.16
C THR C 248 -14.25 -10.28 -14.86
N ALA C 249 -14.63 -11.27 -14.07
CA ALA C 249 -15.35 -11.04 -12.81
C ALA C 249 -14.46 -10.31 -11.83
N THR C 250 -13.18 -10.68 -11.79
CA THR C 250 -12.28 -10.04 -10.83
C THR C 250 -12.02 -8.58 -11.22
N PHE C 251 -12.08 -8.23 -12.52
CA PHE C 251 -12.03 -6.83 -12.91
C PHE C 251 -13.21 -6.11 -12.24
N GLY C 252 -14.41 -6.68 -12.29
CA GLY C 252 -15.59 -6.00 -11.69
C GLY C 252 -15.52 -5.95 -10.18
N PHE C 253 -14.98 -6.99 -9.56
CA PHE C 253 -14.83 -7.04 -8.10
C PHE C 253 -13.78 -6.05 -7.62
N VAL C 254 -12.69 -5.93 -8.33
CA VAL C 254 -11.66 -4.90 -8.00
C VAL C 254 -12.21 -3.46 -8.17
N ALA C 255 -12.95 -3.20 -9.26
CA ALA C 255 -13.71 -1.97 -9.42
C ALA C 255 -14.61 -1.61 -8.21
N VAL C 256 -15.49 -2.53 -7.77
CA VAL C 256 -16.33 -2.37 -6.60
C VAL C 256 -15.51 -2.16 -5.35
N SER C 257 -14.56 -3.02 -5.09
CA SER C 257 -13.73 -2.80 -3.87
C SER C 257 -13.04 -1.44 -3.91
N HIS C 258 -12.62 -1.01 -5.09
CA HIS C 258 -11.94 0.29 -5.18
C HIS C 258 -12.95 1.45 -4.88
N ALA C 259 -14.14 1.39 -5.46
CA ALA C 259 -15.19 2.37 -5.17
C ALA C 259 -15.53 2.44 -3.72
N LEU C 260 -15.77 1.30 -3.08
CA LEU C 260 -16.09 1.29 -1.65
C LEU C 260 -14.98 1.85 -0.76
N LYS C 261 -13.75 1.55 -1.08
CA LYS C 261 -12.63 2.08 -0.33
C LYS C 261 -12.65 3.62 -0.39
N LYS C 262 -12.87 4.15 -1.57
CA LYS C 262 -12.91 5.59 -1.76
C LYS C 262 -14.11 6.24 -1.10
N MSE C 263 -15.25 5.56 -1.11
CA MSE C 263 -16.47 6.13 -0.43
C MSE C 263 -16.29 6.14 1.03
O MSE C 263 -16.69 7.09 1.74
CB MSE C 263 -17.71 5.28 -0.75
CG MSE C 263 -18.03 5.47 -2.21
SE MSE C 263 -19.17 3.97 -2.87
CE MSE C 263 -20.51 4.17 -1.42
N MSE C 264 -15.67 5.07 1.55
CA MSE C 264 -15.45 4.98 3.03
C MSE C 264 -14.43 6.02 3.51
O MSE C 264 -14.59 6.57 4.60
CB MSE C 264 -14.99 3.62 3.51
CG MSE C 264 -16.10 2.61 3.58
SE MSE C 264 -15.47 0.67 3.76
CE MSE C 264 -14.67 1.00 5.56
N ALA C 265 -13.41 6.27 2.70
CA ALA C 265 -12.43 7.32 3.05
C ALA C 265 -13.07 8.72 3.10
N LYS C 266 -13.83 9.06 2.06
CA LYS C 266 -14.60 10.32 2.02
C LYS C 266 -15.54 10.46 3.23
N ALA C 267 -16.30 9.42 3.55
CA ALA C 267 -17.14 9.43 4.74
C ALA C 267 -16.39 9.66 6.04
N ALA C 268 -15.20 9.08 6.15
CA ALA C 268 -14.41 9.14 7.36
C ALA C 268 -13.98 10.58 7.67
N ARG C 269 -13.44 11.31 6.70
CA ARG C 269 -13.10 12.73 6.94
C ARG C 269 -14.32 13.57 7.38
N GLN C 270 -15.45 13.38 6.69
CA GLN C 270 -16.83 13.67 7.17
C GLN C 270 -17.58 14.54 6.20
N SER D 5 -12.42 -37.50 -25.79
CA SER D 5 -13.46 -38.44 -25.27
C SER D 5 -14.91 -37.86 -25.25
N VAL D 6 -15.18 -36.73 -24.57
CA VAL D 6 -16.47 -35.99 -24.78
C VAL D 6 -16.47 -35.39 -26.20
N VAL D 7 -17.51 -35.69 -26.99
CA VAL D 7 -17.63 -35.10 -28.34
C VAL D 7 -18.30 -33.73 -28.21
N ILE D 8 -17.56 -32.66 -28.44
CA ILE D 8 -18.02 -31.28 -28.20
C ILE D 8 -19.05 -30.94 -29.31
N SER D 9 -20.31 -30.72 -28.99
CA SER D 9 -21.27 -30.28 -30.00
C SER D 9 -21.00 -28.87 -30.49
N ASP D 10 -21.65 -28.48 -31.57
CA ASP D 10 -21.55 -27.08 -31.98
C ASP D 10 -22.22 -26.11 -30.95
N ALA D 11 -23.26 -26.59 -30.26
CA ALA D 11 -23.92 -25.79 -29.18
C ALA D 11 -22.87 -25.51 -28.05
N TRP D 12 -22.03 -26.49 -27.73
CA TRP D 12 -20.93 -26.35 -26.74
C TRP D 12 -19.86 -25.40 -27.18
N ARG D 13 -19.45 -25.50 -28.43
CA ARG D 13 -18.53 -24.55 -29.02
C ARG D 13 -19.02 -23.11 -29.03
N GLN D 14 -20.33 -22.94 -29.19
CA GLN D 14 -20.96 -21.65 -29.15
C GLN D 14 -20.93 -21.05 -27.75
N ARG D 15 -21.27 -21.88 -26.78
CA ARG D 15 -21.24 -21.42 -25.37
C ARG D 15 -19.86 -21.00 -24.98
N PHE D 16 -18.88 -21.80 -25.44
CA PHE D 16 -17.48 -21.72 -24.96
C PHE D 16 -16.46 -21.32 -26.01
N GLY D 17 -16.94 -20.72 -27.09
CA GLY D 17 -16.08 -20.04 -28.10
C GLY D 17 -14.99 -19.19 -27.48
N GLY D 18 -15.39 -18.34 -26.51
CA GLY D 18 -14.46 -17.43 -25.92
C GLY D 18 -13.41 -18.13 -25.09
N THR D 19 -13.78 -19.28 -24.55
CA THR D 19 -12.86 -20.15 -23.82
C THR D 19 -11.81 -20.68 -24.85
N ALA D 20 -12.25 -21.23 -25.96
CA ALA D 20 -11.35 -21.69 -27.04
C ALA D 20 -10.42 -20.61 -27.53
N ARG D 21 -10.93 -19.39 -27.69
CA ARG D 21 -10.14 -18.26 -28.19
C ARG D 21 -9.13 -17.72 -27.12
N LEU D 22 -9.30 -18.11 -25.85
CA LEU D 22 -8.39 -17.66 -24.76
C LEU D 22 -7.35 -18.72 -24.48
N TYR D 23 -7.79 -19.96 -24.35
CA TYR D 23 -6.89 -21.04 -23.96
C TYR D 23 -6.42 -21.96 -25.12
N GLY D 24 -7.15 -21.95 -26.24
CA GLY D 24 -6.77 -22.74 -27.42
C GLY D 24 -7.77 -23.84 -27.61
N GLU D 25 -7.81 -24.42 -28.80
CA GLU D 25 -8.70 -25.53 -29.09
C GLU D 25 -8.42 -26.76 -28.34
N LYS D 26 -7.16 -27.06 -28.13
CA LYS D 26 -6.82 -28.28 -27.39
C LYS D 26 -7.28 -28.21 -25.91
N ALA D 27 -7.11 -27.03 -25.32
CA ALA D 27 -7.58 -26.73 -23.94
C ALA D 27 -9.08 -26.88 -23.85
N LEU D 28 -9.83 -26.35 -24.84
CA LEU D 28 -11.29 -26.63 -24.85
C LEU D 28 -11.60 -28.13 -24.68
N GLN D 29 -10.88 -28.98 -25.45
CA GLN D 29 -11.15 -30.38 -25.47
C GLN D 29 -10.72 -30.99 -24.12
N LEU D 30 -9.59 -30.51 -23.61
CA LEU D 30 -9.07 -30.97 -22.32
C LEU D 30 -10.08 -30.69 -21.18
N PHE D 31 -10.61 -29.46 -21.20
CA PHE D 31 -11.61 -29.01 -20.25
C PHE D 31 -12.89 -29.87 -20.35
N ALA D 32 -13.36 -30.12 -21.59
CA ALA D 32 -14.53 -30.95 -21.81
C ALA D 32 -14.39 -32.37 -21.28
N ASP D 33 -13.20 -32.90 -21.43
CA ASP D 33 -12.83 -34.25 -21.00
C ASP D 33 -12.53 -34.27 -19.50
N ALA D 34 -12.48 -33.15 -18.80
CA ALA D 34 -12.10 -33.18 -17.36
C ALA D 34 -13.30 -33.44 -16.41
N HIS D 35 -13.02 -33.99 -15.22
CA HIS D 35 -13.95 -34.11 -14.14
C HIS D 35 -13.31 -33.52 -12.90
N ILE D 36 -13.90 -32.45 -12.38
CA ILE D 36 -13.29 -31.72 -11.27
C ILE D 36 -14.30 -31.76 -10.14
N CYS D 37 -13.79 -31.95 -8.93
CA CYS D 37 -14.61 -32.07 -7.72
C CYS D 37 -14.40 -30.81 -6.89
N VAL D 38 -15.49 -30.19 -6.45
CA VAL D 38 -15.44 -29.06 -5.52
C VAL D 38 -15.98 -29.52 -4.22
N VAL D 39 -15.17 -29.44 -3.17
CA VAL D 39 -15.64 -29.83 -1.84
C VAL D 39 -15.86 -28.60 -1.00
N GLY D 40 -17.09 -28.40 -0.59
CA GLY D 40 -17.50 -27.17 0.13
C GLY D 40 -18.02 -26.15 -0.86
N ILE D 41 -19.32 -25.92 -0.82
CA ILE D 41 -19.97 -25.03 -1.78
C ILE D 41 -20.42 -23.74 -1.10
N GLY D 42 -19.47 -23.05 -0.46
CA GLY D 42 -19.82 -21.91 0.43
C GLY D 42 -19.28 -20.62 -0.19
N GLY D 43 -18.57 -19.83 0.65
CA GLY D 43 -18.06 -18.51 0.25
C GLY D 43 -16.98 -18.54 -0.82
N VAL D 44 -16.20 -19.59 -0.80
CA VAL D 44 -15.17 -19.76 -1.84
C VAL D 44 -15.66 -20.77 -2.92
N GLY D 45 -16.19 -21.90 -2.48
CA GLY D 45 -16.46 -23.05 -3.37
C GLY D 45 -17.60 -22.79 -4.36
N SER D 46 -18.58 -21.99 -3.95
CA SER D 46 -19.68 -21.75 -4.79
C SER D 46 -19.17 -21.04 -6.07
N TRP D 47 -18.22 -20.12 -5.92
CA TRP D 47 -17.78 -19.30 -7.07
C TRP D 47 -16.81 -20.17 -7.88
N ALA D 48 -16.07 -21.03 -7.19
CA ALA D 48 -15.16 -21.98 -7.93
C ALA D 48 -16.01 -22.83 -8.87
N ALA D 49 -17.11 -23.37 -8.34
CA ALA D 49 -18.01 -24.17 -9.15
C ALA D 49 -18.58 -23.42 -10.36
N GLU D 50 -18.96 -22.16 -10.14
CA GLU D 50 -19.46 -21.29 -11.17
C GLU D 50 -18.40 -21.16 -12.30
N ALA D 51 -17.16 -20.94 -11.88
CA ALA D 51 -16.05 -20.66 -12.77
C ALA D 51 -15.71 -21.91 -13.60
N LEU D 52 -15.73 -23.06 -12.97
CA LEU D 52 -15.57 -24.33 -13.66
C LEU D 52 -16.66 -24.52 -14.78
N ALA D 53 -17.90 -24.30 -14.40
CA ALA D 53 -19.03 -24.44 -15.36
C ALA D 53 -18.85 -23.48 -16.52
N ARG D 54 -18.39 -22.25 -16.24
CA ARG D 54 -18.27 -21.22 -17.26
C ARG D 54 -16.99 -21.30 -18.10
N THR D 55 -16.14 -22.24 -17.77
CA THR D 55 -14.93 -22.47 -18.54
C THR D 55 -15.00 -23.84 -19.22
N GLY D 56 -16.20 -24.39 -19.38
CA GLY D 56 -16.32 -25.55 -20.28
C GLY D 56 -15.76 -26.85 -19.68
N ILE D 57 -15.67 -26.90 -18.35
CA ILE D 57 -15.38 -28.14 -17.66
C ILE D 57 -16.57 -29.08 -17.83
N GLY D 58 -16.26 -30.28 -18.34
CA GLY D 58 -17.30 -31.20 -18.80
C GLY D 58 -18.00 -32.05 -17.77
N ALA D 59 -17.38 -32.19 -16.59
CA ALA D 59 -18.00 -32.94 -15.51
C ALA D 59 -17.56 -32.35 -14.18
N ILE D 60 -18.53 -32.08 -13.32
CA ILE D 60 -18.30 -31.41 -12.04
C ILE D 60 -19.05 -32.17 -10.94
N THR D 61 -18.30 -32.52 -9.89
CA THR D 61 -18.86 -33.08 -8.70
C THR D 61 -18.82 -32.03 -7.58
N LEU D 62 -19.91 -31.91 -6.85
CA LEU D 62 -20.03 -30.96 -5.72
C LEU D 62 -20.33 -31.73 -4.44
N ILE D 63 -19.51 -31.48 -3.40
CA ILE D 63 -19.72 -32.18 -2.12
C ILE D 63 -19.97 -31.23 -0.97
N ASP D 64 -21.18 -31.24 -0.51
CA ASP D 64 -21.65 -30.42 0.62
C ASP D 64 -22.98 -30.98 1.13
N MSE D 65 -23.21 -30.78 2.43
CA MSE D 65 -24.47 -31.14 3.05
C MSE D 65 -25.24 -30.04 3.64
O MSE D 65 -26.32 -30.27 4.11
CB MSE D 65 -24.21 -32.08 4.24
CG MSE D 65 -25.14 -33.25 4.13
SE MSE D 65 -24.93 -34.60 5.61
CE MSE D 65 -23.27 -34.04 6.46
N ASP D 66 -24.75 -28.82 3.55
CA ASP D 66 -25.46 -27.66 4.12
C ASP D 66 -26.57 -27.11 3.31
N ASP D 67 -27.47 -26.38 3.96
CA ASP D 67 -28.52 -25.68 3.28
C ASP D 67 -28.17 -24.19 3.09
N VAL D 68 -28.75 -23.61 2.07
CA VAL D 68 -28.64 -22.14 1.86
C VAL D 68 -29.31 -21.40 2.99
N CYS D 69 -28.53 -20.55 3.62
CA CYS D 69 -29.01 -19.72 4.74
C CYS D 69 -28.99 -18.24 4.34
N VAL D 70 -29.93 -17.43 4.88
CA VAL D 70 -29.94 -16.02 4.51
C VAL D 70 -28.66 -15.29 4.83
N THR D 71 -27.95 -15.71 5.90
CA THR D 71 -26.68 -15.07 6.29
C THR D 71 -25.54 -15.37 5.26
N ASN D 72 -25.78 -16.25 4.31
CA ASN D 72 -24.82 -16.59 3.22
C ASN D 72 -24.83 -15.47 2.15
N THR D 73 -25.78 -14.54 2.24
CA THR D 73 -26.08 -13.61 1.14
C THR D 73 -24.94 -12.69 0.75
N ASN D 74 -24.10 -12.29 1.73
CA ASN D 74 -23.00 -11.44 1.47
C ASN D 74 -21.85 -12.06 0.62
N ARG D 75 -21.86 -13.38 0.43
CA ARG D 75 -20.68 -14.05 -0.07
C ARG D 75 -20.86 -15.32 -0.87
N GLN D 76 -22.09 -15.78 -1.18
CA GLN D 76 -22.28 -17.05 -1.85
C GLN D 76 -23.26 -16.92 -3.00
N ILE D 77 -22.91 -17.50 -4.14
CA ILE D 77 -23.59 -17.21 -5.40
C ILE D 77 -24.97 -17.80 -5.45
N HIS D 78 -25.21 -18.80 -4.59
CA HIS D 78 -26.47 -19.53 -4.58
C HIS D 78 -27.45 -18.93 -3.54
N ALA D 79 -27.00 -17.91 -2.80
CA ALA D 79 -27.81 -17.29 -1.75
C ALA D 79 -28.72 -16.21 -2.32
N LEU D 80 -29.96 -16.62 -2.58
CA LEU D 80 -31.07 -15.85 -3.16
C LEU D 80 -32.31 -16.21 -2.36
N ARG D 81 -33.27 -15.27 -2.31
CA ARG D 81 -34.46 -15.47 -1.47
C ARG D 81 -35.11 -16.84 -1.70
N ASP D 82 -35.34 -17.17 -2.92
CA ASP D 82 -36.02 -18.41 -3.24
C ASP D 82 -35.24 -19.69 -3.02
N ASN D 83 -33.93 -19.61 -2.75
CA ASN D 83 -33.11 -20.80 -2.48
C ASN D 83 -32.91 -21.10 -1.00
N VAL D 84 -33.29 -20.18 -0.13
CA VAL D 84 -33.06 -20.33 1.28
C VAL D 84 -33.74 -21.60 1.78
N GLY D 85 -32.95 -22.41 2.46
CA GLY D 85 -33.46 -23.66 3.03
C GLY D 85 -33.30 -24.87 2.15
N LEU D 86 -32.94 -24.67 0.88
CA LEU D 86 -32.61 -25.77 0.00
C LEU D 86 -31.16 -26.16 0.14
N ALA D 87 -30.83 -27.35 -0.32
CA ALA D 87 -29.46 -27.79 -0.27
C ALA D 87 -28.53 -27.03 -1.23
N LYS D 88 -27.42 -26.50 -0.69
CA LYS D 88 -26.47 -25.72 -1.45
C LYS D 88 -25.96 -26.46 -2.68
N ALA D 89 -25.64 -27.75 -2.50
CA ALA D 89 -25.02 -28.46 -3.61
C ALA D 89 -26.05 -28.71 -4.70
N GLU D 90 -27.30 -28.90 -4.31
CA GLU D 90 -28.36 -29.14 -5.29
C GLU D 90 -28.67 -27.86 -6.08
N VAL D 91 -28.75 -26.75 -5.37
CA VAL D 91 -29.06 -25.44 -5.98
C VAL D 91 -27.95 -25.11 -7.01
N MSE D 92 -26.71 -25.34 -6.62
CA MSE D 92 -25.54 -25.06 -7.46
C MSE D 92 -25.53 -26.00 -8.64
O MSE D 92 -25.19 -25.59 -9.73
CB MSE D 92 -24.23 -25.12 -6.63
CG MSE D 92 -23.04 -24.49 -7.30
SE MSE D 92 -23.20 -22.72 -7.40
CE MSE D 92 -22.46 -22.63 -8.92
N ALA D 93 -25.97 -27.24 -8.48
CA ALA D 93 -25.98 -28.18 -9.57
C ALA D 93 -27.02 -27.81 -10.60
N GLU D 94 -28.16 -27.36 -10.14
CA GLU D 94 -29.19 -26.89 -11.02
C GLU D 94 -28.71 -25.65 -11.81
N ARG D 95 -27.98 -24.79 -11.12
CA ARG D 95 -27.42 -23.62 -11.77
C ARG D 95 -26.36 -24.03 -12.82
N ILE D 96 -25.52 -25.00 -12.50
CA ILE D 96 -24.56 -25.48 -13.46
C ILE D 96 -25.22 -26.06 -14.74
N ARG D 97 -26.26 -26.87 -14.54
CA ARG D 97 -27.04 -27.36 -15.68
C ARG D 97 -27.62 -26.21 -16.53
N GLN D 98 -27.96 -25.07 -15.95
CA GLN D 98 -28.42 -23.90 -16.73
C GLN D 98 -27.28 -23.20 -17.53
N ILE D 99 -26.09 -23.22 -16.94
CA ILE D 99 -24.90 -22.75 -17.61
C ILE D 99 -24.54 -23.59 -18.81
N ASN D 100 -24.47 -24.89 -18.59
CA ASN D 100 -24.09 -25.85 -19.61
C ASN D 100 -24.96 -27.07 -19.43
N PRO D 101 -26.03 -27.18 -20.22
CA PRO D 101 -26.92 -28.35 -20.10
C PRO D 101 -26.25 -29.68 -20.38
N GLU D 102 -25.10 -29.67 -21.04
CA GLU D 102 -24.37 -30.87 -21.37
C GLU D 102 -23.29 -31.22 -20.38
N CYS D 103 -23.11 -30.41 -19.33
CA CYS D 103 -22.12 -30.72 -18.27
C CYS D 103 -22.65 -31.90 -17.42
N ARG D 104 -21.82 -32.86 -17.05
CA ARG D 104 -22.28 -33.97 -16.21
C ARG D 104 -22.04 -33.60 -14.75
N VAL D 105 -23.10 -33.26 -14.05
CA VAL D 105 -23.04 -32.78 -12.66
C VAL D 105 -23.52 -33.82 -11.69
N THR D 106 -22.70 -34.10 -10.68
CA THR D 106 -22.98 -35.11 -9.63
C THR D 106 -22.94 -34.41 -8.30
N VAL D 107 -23.94 -34.66 -7.48
CA VAL D 107 -23.99 -34.08 -6.14
C VAL D 107 -23.70 -35.22 -5.14
N VAL D 108 -22.81 -34.96 -4.18
CA VAL D 108 -22.61 -35.80 -3.03
C VAL D 108 -23.13 -35.08 -1.81
N ASP D 109 -24.22 -35.58 -1.22
CA ASP D 109 -24.89 -34.93 -0.12
C ASP D 109 -24.31 -35.37 1.21
N ASP D 110 -23.11 -34.90 1.51
CA ASP D 110 -22.40 -35.37 2.67
C ASP D 110 -21.26 -34.45 2.93
N PHE D 111 -20.61 -34.65 4.08
CA PHE D 111 -19.35 -34.02 4.42
C PHE D 111 -18.27 -35.08 4.38
N VAL D 112 -17.04 -34.67 4.10
CA VAL D 112 -15.88 -35.57 4.02
C VAL D 112 -15.31 -35.88 5.37
N THR D 113 -15.11 -37.19 5.62
CA THR D 113 -14.54 -37.71 6.86
C THR D 113 -13.36 -38.58 6.51
N PRO D 114 -12.55 -38.91 7.52
CA PRO D 114 -11.49 -39.85 7.21
C PRO D 114 -12.05 -41.19 6.78
N ASP D 115 -13.25 -41.56 7.26
CA ASP D 115 -13.88 -42.82 6.89
C ASP D 115 -14.46 -42.85 5.47
N ASN D 116 -14.93 -41.71 4.93
CA ASN D 116 -15.57 -41.75 3.57
C ASN D 116 -14.73 -41.14 2.46
N VAL D 117 -13.57 -40.57 2.78
CA VAL D 117 -12.80 -39.89 1.78
C VAL D 117 -12.31 -40.76 0.65
N ALA D 118 -11.91 -42.00 0.96
CA ALA D 118 -11.38 -42.87 -0.09
C ALA D 118 -12.50 -43.12 -1.10
N GLN D 119 -13.67 -43.48 -0.60
CA GLN D 119 -14.84 -43.73 -1.44
C GLN D 119 -15.13 -42.51 -2.37
N TYR D 120 -15.08 -41.31 -1.85
CA TYR D 120 -15.50 -40.12 -2.63
C TYR D 120 -14.41 -39.66 -3.56
N MSE D 121 -13.16 -40.00 -3.29
CA MSE D 121 -12.05 -39.75 -4.15
C MSE D 121 -11.84 -40.84 -5.16
O MSE D 121 -10.94 -40.72 -6.00
CB MSE D 121 -10.77 -39.59 -3.34
CG MSE D 121 -10.70 -38.31 -2.53
SE MSE D 121 -11.03 -36.72 -3.68
CE MSE D 121 -12.93 -36.39 -3.18
N SER D 122 -12.64 -41.90 -5.11
CA SER D 122 -12.36 -43.09 -5.94
C SER D 122 -12.69 -42.94 -7.43
N VAL D 123 -13.39 -41.86 -7.74
CA VAL D 123 -13.86 -41.60 -9.09
C VAL D 123 -12.76 -41.30 -10.06
N GLY D 124 -11.66 -40.72 -9.63
CA GLY D 124 -10.56 -40.42 -10.56
C GLY D 124 -10.66 -39.03 -11.17
N TYR D 125 -10.75 -38.04 -10.28
CA TYR D 125 -10.88 -36.64 -10.66
C TYR D 125 -9.69 -36.14 -11.34
N SER D 126 -9.88 -35.25 -12.31
CA SER D 126 -8.78 -34.50 -12.86
C SER D 126 -8.20 -33.49 -11.89
N TYR D 127 -9.02 -32.99 -10.98
CA TYR D 127 -8.55 -31.98 -10.02
C TYR D 127 -9.56 -31.93 -8.93
N VAL D 128 -9.08 -31.60 -7.73
CA VAL D 128 -9.95 -31.41 -6.56
C VAL D 128 -9.73 -29.99 -6.08
N ILE D 129 -10.85 -29.26 -5.86
CA ILE D 129 -10.79 -27.94 -5.28
C ILE D 129 -11.33 -28.06 -3.88
N ASP D 130 -10.44 -27.85 -2.92
CA ASP D 130 -10.83 -27.98 -1.51
C ASP D 130 -11.24 -26.56 -1.06
N ALA D 131 -12.51 -26.39 -0.75
CA ALA D 131 -13.02 -25.12 -0.24
C ALA D 131 -13.78 -25.40 1.03
N ILE D 132 -13.24 -26.30 1.83
CA ILE D 132 -13.88 -26.72 3.04
C ILE D 132 -13.48 -25.70 4.11
N ASP D 133 -14.45 -25.27 4.93
CA ASP D 133 -14.19 -24.26 5.97
C ASP D 133 -13.67 -24.89 7.27
N SER D 134 -14.15 -26.09 7.65
CA SER D 134 -13.78 -26.78 8.93
C SER D 134 -12.51 -27.61 8.81
N VAL D 135 -11.62 -27.45 9.80
CA VAL D 135 -10.28 -28.02 9.76
C VAL D 135 -10.26 -29.53 9.73
N ARG D 136 -11.17 -30.20 10.42
CA ARG D 136 -11.09 -31.67 10.47
C ARG D 136 -11.30 -32.29 9.09
N PRO D 137 -12.46 -32.00 8.48
CA PRO D 137 -12.64 -32.58 7.14
C PRO D 137 -11.62 -32.05 6.15
N LYS D 138 -11.21 -30.78 6.31
CA LYS D 138 -10.23 -30.22 5.41
C LYS D 138 -8.96 -31.00 5.43
N ALA D 139 -8.48 -31.30 6.64
CA ALA D 139 -7.27 -32.09 6.81
C ALA D 139 -7.38 -33.51 6.27
N ALA D 140 -8.49 -34.19 6.56
CA ALA D 140 -8.72 -35.53 5.98
C ALA D 140 -8.64 -35.56 4.43
N LEU D 141 -9.22 -34.54 3.82
CA LEU D 141 -9.26 -34.47 2.33
C LEU D 141 -7.90 -34.26 1.77
N ILE D 142 -7.18 -33.29 2.33
CA ILE D 142 -5.87 -32.96 1.85
C ILE D 142 -4.91 -34.13 2.08
N ALA D 143 -4.97 -34.75 3.26
CA ALA D 143 -4.04 -35.86 3.59
C ALA D 143 -4.17 -36.99 2.57
N TYR D 144 -5.42 -37.31 2.26
CA TYR D 144 -5.75 -38.35 1.30
C TYR D 144 -5.28 -38.04 -0.15
N CYS D 145 -5.63 -36.86 -0.69
CA CYS D 145 -5.17 -36.40 -2.00
C CYS D 145 -3.66 -36.35 -2.13
N ARG D 146 -3.00 -35.77 -1.12
CA ARG D 146 -1.57 -35.71 -1.16
C ARG D 146 -0.91 -37.13 -1.23
N ARG D 147 -1.35 -38.05 -0.36
CA ARG D 147 -0.83 -39.43 -0.32
C ARG D 147 -1.08 -40.11 -1.64
N ASN D 148 -2.27 -39.89 -2.22
CA ASN D 148 -2.64 -40.63 -3.41
C ASN D 148 -2.33 -39.94 -4.73
N LYS D 149 -1.54 -38.86 -4.69
CA LYS D 149 -1.20 -38.05 -5.85
C LYS D 149 -2.42 -37.54 -6.65
N ILE D 150 -3.50 -37.21 -5.99
CA ILE D 150 -4.64 -36.65 -6.68
C ILE D 150 -4.39 -35.14 -6.79
N PRO D 151 -4.50 -34.58 -8.00
CA PRO D 151 -4.21 -33.18 -8.11
C PRO D 151 -5.20 -32.34 -7.30
N LEU D 152 -4.68 -31.40 -6.53
CA LEU D 152 -5.48 -30.66 -5.52
C LEU D 152 -4.97 -29.24 -5.38
N VAL D 153 -5.92 -28.34 -5.18
CA VAL D 153 -5.63 -26.97 -4.76
C VAL D 153 -6.53 -26.71 -3.58
N THR D 154 -5.94 -26.13 -2.51
CA THR D 154 -6.71 -25.82 -1.34
C THR D 154 -6.79 -24.31 -1.19
N THR D 155 -7.62 -23.87 -0.29
CA THR D 155 -7.84 -22.43 -0.14
C THR D 155 -7.79 -22.13 1.35
N GLY D 156 -7.12 -21.04 1.70
CA GLY D 156 -7.10 -20.61 3.08
C GLY D 156 -8.42 -19.97 3.48
N GLY D 157 -8.38 -19.25 4.59
CA GLY D 157 -9.51 -18.40 5.03
C GLY D 157 -9.64 -17.10 4.24
N ALA D 158 -10.82 -16.89 3.68
CA ALA D 158 -11.10 -15.67 2.91
C ALA D 158 -11.88 -14.61 3.75
N GLY D 159 -12.33 -14.96 4.93
CA GLY D 159 -12.99 -13.99 5.82
C GLY D 159 -12.01 -12.94 6.38
N GLY D 160 -12.55 -11.83 6.83
CA GLY D 160 -11.73 -10.78 7.47
C GLY D 160 -10.78 -10.03 6.60
N GLN D 161 -10.97 -10.12 5.28
CA GLN D 161 -10.09 -9.46 4.30
C GLN D 161 -10.89 -8.68 3.27
N ILE D 162 -10.39 -7.52 2.88
CA ILE D 162 -11.11 -6.67 1.93
C ILE D 162 -10.47 -6.50 0.55
N ASP D 163 -9.20 -6.86 0.37
CA ASP D 163 -8.50 -6.49 -0.84
C ASP D 163 -8.28 -7.64 -1.81
N PRO D 164 -9.08 -7.71 -2.88
CA PRO D 164 -8.92 -8.85 -3.76
C PRO D 164 -7.56 -8.91 -4.50
N THR D 165 -6.79 -7.80 -4.51
CA THR D 165 -5.54 -7.73 -5.25
C THR D 165 -4.37 -8.42 -4.49
N GLN D 166 -4.59 -8.87 -3.26
CA GLN D 166 -3.52 -9.53 -2.48
C GLN D 166 -3.64 -11.05 -2.47
N ILE D 167 -4.50 -11.61 -3.31
CA ILE D 167 -4.69 -13.03 -3.32
C ILE D 167 -3.68 -13.68 -4.24
N GLN D 168 -3.15 -14.82 -3.79
CA GLN D 168 -2.14 -15.54 -4.57
C GLN D 168 -2.04 -16.98 -4.17
N VAL D 169 -1.21 -17.72 -4.88
CA VAL D 169 -1.06 -19.13 -4.61
C VAL D 169 0.37 -19.42 -4.21
N THR D 170 0.54 -20.25 -3.19
CA THR D 170 1.83 -20.68 -2.73
C THR D 170 1.70 -22.05 -2.10
N ASP D 171 2.82 -22.65 -1.66
CA ASP D 171 2.78 -23.91 -0.93
C ASP D 171 2.18 -23.63 0.40
N LEU D 172 1.37 -24.57 0.88
CA LEU D 172 0.62 -24.45 2.14
C LEU D 172 1.57 -24.14 3.33
N ALA D 173 2.77 -24.74 3.31
CA ALA D 173 3.74 -24.45 4.38
C ALA D 173 4.16 -22.97 4.46
N LYS D 174 3.96 -22.20 3.39
CA LYS D 174 4.50 -20.86 3.30
C LYS D 174 3.45 -19.74 3.39
N THR D 175 2.22 -20.07 3.71
CA THR D 175 1.21 -19.03 3.80
C THR D 175 1.46 -18.21 5.06
N ILE D 176 1.10 -16.94 4.97
CA ILE D 176 1.07 -16.01 6.11
C ILE D 176 -0.26 -15.25 6.21
N GLN D 177 -0.46 -14.65 7.39
CA GLN D 177 -1.64 -13.85 7.69
C GLN D 177 -2.90 -14.63 7.36
N ASP D 178 -2.99 -15.88 7.84
CA ASP D 178 -4.11 -16.78 7.52
C ASP D 178 -4.13 -17.90 8.57
N PRO D 179 -4.98 -17.74 9.61
CA PRO D 179 -5.09 -18.70 10.76
C PRO D 179 -5.76 -20.03 10.46
N LEU D 180 -6.64 -20.07 9.48
CA LEU D 180 -7.20 -21.35 9.09
C LEU D 180 -6.06 -22.21 8.50
N ALA D 181 -5.26 -21.62 7.61
CA ALA D 181 -4.13 -22.34 7.05
C ALA D 181 -3.22 -22.90 8.16
N ALA D 182 -2.89 -22.04 9.11
CA ALA D 182 -2.00 -22.40 10.21
C ALA D 182 -2.57 -23.57 11.05
N LYS D 183 -3.86 -23.55 11.35
CA LYS D 183 -4.53 -24.59 12.11
C LYS D 183 -4.60 -25.89 11.32
N LEU D 184 -4.77 -25.78 9.98
CA LEU D 184 -4.82 -26.94 9.07
C LEU D 184 -3.48 -27.66 9.06
N ARG D 185 -2.41 -26.89 8.98
CA ARG D 185 -1.08 -27.48 9.02
C ARG D 185 -0.84 -28.27 10.30
N GLU D 186 -1.40 -27.81 11.40
CA GLU D 186 -1.24 -28.49 12.70
C GLU D 186 -1.98 -29.79 12.79
N ARG D 187 -3.20 -29.80 12.25
CA ARG D 187 -4.05 -30.96 12.24
C ARG D 187 -3.41 -32.00 11.30
N LEU D 188 -2.90 -31.54 10.16
CA LEU D 188 -2.18 -32.45 9.23
C LEU D 188 -0.99 -33.17 9.89
N LYS D 189 -0.07 -32.37 10.44
CA LYS D 189 1.02 -32.86 11.31
C LYS D 189 0.44 -33.80 12.37
N SER D 190 -0.46 -33.32 13.22
CA SER D 190 -0.86 -34.08 14.40
C SER D 190 -1.60 -35.37 14.07
N ASP D 191 -2.56 -35.32 13.15
CA ASP D 191 -3.41 -36.48 12.90
C ASP D 191 -3.00 -37.30 11.72
N PHE D 192 -2.14 -36.77 10.84
CA PHE D 192 -1.82 -37.51 9.62
C PHE D 192 -0.35 -37.60 9.34
N GLY D 193 0.50 -37.12 10.24
CA GLY D 193 1.96 -37.13 10.01
C GLY D 193 2.43 -36.43 8.77
N VAL D 194 1.66 -35.46 8.27
CA VAL D 194 2.06 -34.68 7.09
C VAL D 194 2.86 -33.49 7.52
N VAL D 195 4.10 -33.45 7.09
CA VAL D 195 5.02 -32.42 7.52
C VAL D 195 5.86 -31.97 6.37
N LYS D 196 6.60 -30.89 6.53
CA LYS D 196 7.28 -30.35 5.39
C LYS D 196 8.58 -31.03 5.11
N ASN D 197 8.96 -31.08 3.85
CA ASN D 197 10.20 -31.68 3.44
C ASN D 197 11.35 -30.74 3.73
N SER D 198 12.55 -31.10 3.28
CA SER D 198 13.75 -30.34 3.64
C SER D 198 13.72 -28.98 2.98
N LYS D 199 13.14 -28.94 1.79
CA LYS D 199 12.90 -27.66 1.08
C LYS D 199 11.85 -26.71 1.72
N GLY D 200 11.22 -27.13 2.82
CA GLY D 200 10.21 -26.33 3.52
C GLY D 200 8.83 -26.32 2.86
N LYS D 201 8.42 -27.46 2.29
CA LYS D 201 7.17 -27.55 1.53
C LYS D 201 6.37 -28.73 1.90
N LEU D 202 5.05 -28.55 1.92
CA LEU D 202 4.13 -29.65 2.13
C LEU D 202 3.72 -30.33 0.83
N GLY D 203 4.06 -29.74 -0.31
CA GLY D 203 3.58 -30.28 -1.61
C GLY D 203 2.05 -30.17 -1.75
N VAL D 204 1.52 -29.03 -1.31
CA VAL D 204 0.05 -28.75 -1.34
C VAL D 204 -0.07 -27.30 -1.75
N ASP D 205 -0.74 -27.01 -2.86
CA ASP D 205 -0.84 -25.63 -3.33
C ASP D 205 -2.05 -24.99 -2.62
N CYS D 206 -1.90 -23.73 -2.19
CA CYS D 206 -2.89 -23.06 -1.35
C CYS D 206 -3.13 -21.63 -1.83
N VAL D 207 -4.39 -21.31 -2.05
CA VAL D 207 -4.76 -19.93 -2.36
C VAL D 207 -4.91 -19.23 -1.00
N PHE D 208 -4.25 -18.09 -0.86
CA PHE D 208 -4.31 -17.30 0.40
C PHE D 208 -4.12 -15.83 0.03
N SER D 209 -4.32 -14.94 0.99
CA SER D 209 -4.01 -13.48 0.82
C SER D 209 -3.02 -13.03 1.91
N THR D 210 -2.08 -12.23 1.49
CA THR D 210 -1.14 -11.54 2.38
C THR D 210 -1.77 -10.52 3.34
N GLU D 211 -3.04 -10.17 3.11
CA GLU D 211 -3.72 -9.14 3.90
C GLU D 211 -3.95 -9.55 5.34
N ALA D 212 -3.61 -8.65 6.27
CA ALA D 212 -3.87 -8.89 7.67
C ALA D 212 -5.37 -8.98 7.93
N LEU D 213 -5.78 -9.91 8.75
CA LEU D 213 -7.20 -10.04 9.05
C LEU D 213 -7.72 -8.91 9.94
N VAL D 214 -8.93 -8.54 9.69
CA VAL D 214 -9.63 -7.50 10.43
C VAL D 214 -10.75 -8.16 11.29
N TYR D 215 -10.88 -7.71 12.56
CA TYR D 215 -11.76 -8.33 13.57
C TYR D 215 -12.89 -7.38 13.97
N PRO D 216 -14.15 -7.84 13.99
CA PRO D 216 -15.24 -6.99 14.43
C PRO D 216 -15.12 -6.71 15.94
N GLN D 217 -15.40 -5.51 16.35
CA GLN D 217 -15.39 -5.13 17.74
C GLN D 217 -16.81 -4.84 18.26
N SER D 218 -16.95 -4.86 19.56
CA SER D 218 -18.24 -4.66 20.21
C SER D 218 -18.85 -3.29 19.94
N ASP D 219 -18.07 -2.26 19.66
CA ASP D 219 -18.63 -0.97 19.35
C ASP D 219 -19.00 -0.81 17.86
N GLY D 220 -19.05 -1.92 17.12
CA GLY D 220 -19.40 -1.89 15.69
C GLY D 220 -18.28 -1.55 14.72
N THR D 221 -17.12 -1.14 15.22
CA THR D 221 -15.98 -0.89 14.36
C THR D 221 -15.25 -2.21 14.09
N VAL D 222 -14.17 -2.09 13.33
CA VAL D 222 -13.39 -3.24 12.94
C VAL D 222 -11.93 -2.89 13.08
N CYS D 223 -11.09 -3.84 13.43
CA CYS D 223 -9.67 -3.53 13.72
C CYS D 223 -8.78 -4.73 13.40
N ALA D 224 -7.68 -4.44 12.70
CA ALA D 224 -6.71 -5.43 12.36
C ALA D 224 -6.03 -5.93 13.62
N MSE D 225 -5.91 -7.23 13.73
CA MSE D 225 -5.12 -7.95 14.68
C MSE D 225 -5.82 -8.04 15.99
O MSE D 225 -5.36 -8.79 16.80
CB MSE D 225 -3.72 -7.37 14.96
CG MSE D 225 -2.69 -7.51 13.85
SE MSE D 225 -0.86 -6.88 14.33
CE MSE D 225 -0.11 -8.29 15.44
N LYS D 226 -6.92 -7.35 16.21
CA LYS D 226 -7.55 -7.25 17.51
C LYS D 226 -8.48 -8.42 17.76
N ALA D 227 -7.87 -9.55 17.90
CA ALA D 227 -8.56 -10.82 18.03
C ALA D 227 -9.42 -10.92 19.28
N THR D 228 -9.41 -9.86 20.07
CA THR D 228 -10.27 -9.68 21.24
C THR D 228 -9.51 -9.58 22.55
N GLY D 240 -18.35 -15.04 13.56
CA GLY D 240 -16.92 -14.69 13.54
C GLY D 240 -16.52 -13.57 12.57
N PHE D 241 -15.59 -13.86 11.65
CA PHE D 241 -15.07 -12.87 10.71
C PHE D 241 -16.19 -12.43 9.81
N GLY D 242 -16.14 -11.18 9.32
CA GLY D 242 -16.96 -10.76 8.21
C GLY D 242 -16.38 -11.25 6.92
N ALA D 243 -17.05 -10.95 5.83
CA ALA D 243 -16.58 -11.43 4.53
C ALA D 243 -17.22 -10.60 3.41
N ALA D 244 -16.58 -10.58 2.24
CA ALA D 244 -17.11 -9.90 1.06
C ALA D 244 -16.95 -10.78 -0.15
N THR D 245 -17.98 -10.76 -1.00
CA THR D 245 -17.93 -11.48 -2.27
C THR D 245 -16.67 -11.21 -3.05
N MSE D 246 -16.28 -9.94 -3.12
CA MSE D 246 -15.21 -9.52 -3.98
C MSE D 246 -13.92 -10.28 -3.63
O MSE D 246 -13.08 -10.55 -4.50
CB MSE D 246 -14.95 -8.09 -3.76
CG MSE D 246 -15.93 -7.23 -4.45
SE MSE D 246 -17.37 -6.98 -3.19
CE MSE D 246 -16.56 -5.73 -1.86
N VAL D 247 -13.79 -10.62 -2.37
CA VAL D 247 -12.63 -11.42 -1.87
C VAL D 247 -12.91 -12.91 -1.94
N THR D 248 -14.00 -13.38 -1.34
CA THR D 248 -14.16 -14.82 -1.24
C THR D 248 -14.27 -15.48 -2.64
N ALA D 249 -15.04 -14.85 -3.52
CA ALA D 249 -15.19 -15.31 -4.91
C ALA D 249 -13.85 -15.32 -5.62
N THR D 250 -13.01 -14.30 -5.37
CA THR D 250 -11.74 -14.25 -6.03
C THR D 250 -10.82 -15.39 -5.53
N PHE D 251 -10.89 -15.79 -4.25
CA PHE D 251 -10.23 -17.04 -3.84
C PHE D 251 -10.66 -18.21 -4.76
N GLY D 252 -11.95 -18.35 -5.03
CA GLY D 252 -12.41 -19.45 -5.84
C GLY D 252 -11.91 -19.40 -7.24
N PHE D 253 -11.93 -18.21 -7.83
CA PHE D 253 -11.49 -17.96 -9.18
C PHE D 253 -9.98 -18.20 -9.38
N VAL D 254 -9.18 -17.73 -8.43
CA VAL D 254 -7.74 -18.00 -8.43
C VAL D 254 -7.41 -19.49 -8.30
N ALA D 255 -8.18 -20.21 -7.46
CA ALA D 255 -8.01 -21.64 -7.36
C ALA D 255 -8.27 -22.31 -8.69
N VAL D 256 -9.38 -21.95 -9.30
CA VAL D 256 -9.69 -22.51 -10.63
C VAL D 256 -8.66 -22.16 -11.67
N SER D 257 -8.31 -20.89 -11.83
CA SER D 257 -7.27 -20.56 -12.75
C SER D 257 -5.96 -21.33 -12.50
N HIS D 258 -5.64 -21.58 -11.23
CA HIS D 258 -4.38 -22.28 -10.91
C HIS D 258 -4.52 -23.72 -11.38
N ALA D 259 -5.62 -24.36 -11.05
CA ALA D 259 -5.86 -25.76 -11.51
C ALA D 259 -5.78 -25.89 -13.03
N LEU D 260 -6.41 -24.98 -13.76
CA LEU D 260 -6.42 -25.04 -15.23
C LEU D 260 -5.03 -24.82 -15.77
N LYS D 261 -4.26 -23.92 -15.16
CA LYS D 261 -2.88 -23.73 -15.55
C LYS D 261 -2.08 -25.04 -15.45
N LYS D 262 -2.20 -25.72 -14.31
CA LYS D 262 -1.48 -26.96 -14.05
C LYS D 262 -1.87 -28.10 -15.00
N MSE D 263 -3.14 -28.16 -15.34
CA MSE D 263 -3.67 -29.17 -16.22
C MSE D 263 -3.17 -28.93 -17.61
O MSE D 263 -2.83 -29.88 -18.31
CB MSE D 263 -5.19 -29.10 -16.28
CG MSE D 263 -5.70 -29.83 -15.07
SE MSE D 263 -7.64 -29.47 -14.88
CE MSE D 263 -8.49 -30.03 -16.59
N MSE D 264 -3.09 -27.67 -18.00
CA MSE D 264 -2.60 -27.34 -19.31
C MSE D 264 -1.11 -27.61 -19.42
O MSE D 264 -0.66 -28.13 -20.44
CB MSE D 264 -2.94 -25.92 -19.66
CG MSE D 264 -4.39 -25.92 -20.09
SE MSE D 264 -4.83 -24.04 -20.45
CE MSE D 264 -3.55 -23.29 -21.75
N ALA D 265 -0.35 -27.32 -18.36
CA ALA D 265 1.08 -27.57 -18.39
C ALA D 265 1.29 -29.03 -18.46
N LYS D 266 0.57 -29.79 -17.63
CA LYS D 266 0.69 -31.26 -17.66
C LYS D 266 0.38 -31.82 -19.05
N ALA D 267 -0.71 -31.40 -19.66
CA ALA D 267 -1.03 -31.87 -20.99
C ALA D 267 0.02 -31.51 -22.03
N ALA D 268 0.64 -30.35 -21.91
CA ALA D 268 1.63 -29.93 -22.87
C ALA D 268 2.92 -30.73 -22.74
N ARG D 269 3.19 -31.23 -21.54
CA ARG D 269 4.45 -31.89 -21.26
C ARG D 269 4.32 -33.34 -21.57
N GLN D 270 3.41 -33.65 -22.47
CA GLN D 270 3.11 -35.00 -22.87
C GLN D 270 3.10 -35.03 -24.39
P AMP E . 21.52 13.10 -5.40
O1P AMP E . 21.22 12.47 -6.79
O2P AMP E . 20.80 12.38 -4.29
O3P AMP E . 22.99 13.32 -5.07
O5' AMP E . 21.01 14.62 -5.56
C5' AMP E . 21.79 15.57 -6.30
C4' AMP E . 20.89 16.63 -6.88
O4' AMP E . 21.71 17.77 -7.22
C3' AMP E . 20.13 16.19 -8.16
O3' AMP E . 18.71 16.44 -8.13
C2' AMP E . 20.78 17.02 -9.28
O2' AMP E . 19.91 17.20 -10.45
C1' AMP E . 21.19 18.28 -8.47
N9 AMP E . 22.19 19.15 -9.11
C8 AMP E . 23.34 18.68 -9.71
N7 AMP E . 24.08 19.72 -10.23
C5 AMP E . 23.36 20.83 -9.98
C6 AMP E . 23.61 22.25 -10.23
N6 AMP E . 24.74 22.54 -10.90
N1 AMP E . 22.73 23.18 -9.80
C2 AMP E . 21.54 22.79 -9.15
N3 AMP E . 21.24 21.51 -8.84
C4 AMP E . 22.11 20.49 -9.21
C1 GOL F . 30.37 31.46 3.46
O1 GOL F . 29.80 32.64 2.80
C2 GOL F . 30.08 31.34 4.99
O2 GOL F . 28.71 31.52 5.21
C3 GOL F . 30.42 29.97 5.68
O3 GOL F . 30.14 28.82 4.83
P AMP G . 4.25 13.05 18.80
O1P AMP G . 3.00 13.88 19.15
O2P AMP G . 4.98 13.73 17.69
O3P AMP G . 5.01 12.59 20.03
O5' AMP G . 3.69 11.63 18.31
C5' AMP G . 3.44 10.58 19.23
C4' AMP G . 2.48 9.63 18.50
O4' AMP G . 2.29 8.47 19.33
C3' AMP G . 1.11 10.28 18.20
O3' AMP G . 0.60 10.15 16.85
C2' AMP G . 0.17 9.53 19.15
O2' AMP G . -1.14 9.42 18.64
C1' AMP G . 0.88 8.19 19.24
N9 AMP G . 0.50 7.40 20.40
C8 AMP G . 0.33 7.89 21.65
N7 AMP G . -0.04 6.90 22.48
C5 AMP G . -0.05 5.77 21.77
C6 AMP G . -0.32 4.35 22.06
N6 AMP G . -0.63 4.08 23.35
N1 AMP G . -0.23 3.42 21.04
C2 AMP G . 0.06 3.78 19.75
N3 AMP G . 0.33 5.05 19.39
C4 AMP G . 0.30 6.08 20.36
C1 GOL H . 14.93 -5.91 23.65
O1 GOL H . 13.93 -6.90 23.20
C2 GOL H . 16.18 -5.71 22.71
O2 GOL H . 15.71 -5.75 21.39
C3 GOL H . 17.02 -4.40 22.89
O3 GOL H . 16.19 -3.19 23.10
P AMP I . -18.60 -7.30 -22.66
O1P AMP I . -19.43 -7.55 -23.88
O2P AMP I . -18.34 -8.58 -21.95
O3P AMP I . -17.42 -6.41 -23.01
O5' AMP I . -19.58 -6.29 -21.91
C5' AMP I . -19.84 -4.97 -22.39
C4' AMP I . -21.27 -4.55 -22.06
O4' AMP I . -21.38 -3.12 -22.22
C3' AMP I . -22.31 -5.23 -22.96
O3' AMP I . -23.38 -5.83 -22.17
C2' AMP I . -22.86 -4.11 -23.83
O2' AMP I . -24.22 -4.29 -24.24
C1' AMP I . -22.63 -2.89 -22.92
N9 AMP I . -22.56 -1.65 -23.65
C8 AMP I . -21.85 -1.44 -24.83
N7 AMP I . -21.99 -0.16 -25.22
C5 AMP I . -22.73 0.46 -24.24
C6 AMP I . -23.27 1.81 -24.03
N6 AMP I . -22.98 2.82 -24.91
N1 AMP I . -24.00 2.03 -22.93
C2 AMP I . -24.36 1.04 -22.04
N3 AMP I . -23.91 -0.21 -22.15
C4 AMP I . -23.13 -0.54 -23.24
C1 GOL J . -13.46 10.76 -11.62
O1 GOL J . -14.59 11.72 -11.60
C2 GOL J . -12.90 10.33 -10.20
O2 GOL J . -13.89 9.62 -9.44
C3 GOL J . -11.63 9.42 -10.17
O3 GOL J . -11.63 8.38 -11.19
P AMP K . -18.15 -20.79 4.03
O1P AMP K . -18.28 -19.49 3.23
O2P AMP K . -19.25 -21.03 5.09
O3P AMP K . -16.81 -20.99 4.73
O5' AMP K . -18.09 -22.09 3.11
C5' AMP K . -17.81 -23.36 3.73
C4' AMP K . -18.52 -24.53 3.08
O4' AMP K . -17.73 -25.75 3.30
C3' AMP K . -19.95 -24.71 3.66
O3' AMP K . -21.07 -24.84 2.72
C2' AMP K . -19.77 -25.97 4.51
O2' AMP K . -20.99 -26.66 4.73
C1' AMP K . -18.74 -26.75 3.67
N9 AMP K . -18.24 -27.94 4.40
C8 AMP K . -17.96 -27.96 5.75
N7 AMP K . -17.52 -29.18 6.15
C5 AMP K . -17.54 -29.95 5.05
C6 AMP K . -17.17 -31.36 4.78
N6 AMP K . -16.74 -32.10 5.83
N1 AMP K . -17.27 -31.85 3.52
C2 AMP K . -17.77 -31.08 2.48
N3 AMP K . -18.12 -29.78 2.63
C4 AMP K . -18.01 -29.16 3.88
C1 GOL L . -1.12 -32.48 -4.30
O1 GOL L . -1.78 -33.79 -4.55
C2 GOL L . -0.76 -31.59 -5.54
O2 GOL L . -1.92 -31.36 -6.37
C3 GOL L . -0.14 -30.18 -5.27
O3 GOL L . -1.13 -29.23 -4.67
#